data_9KE3
#
_entry.id   9KE3
#
loop_
_entity.id
_entity.type
_entity.pdbx_description
1 polymer 'Sodium-dependent noradrenaline transporter'
2 non-polymer (2~{S})-1-[2-methoxy-4-[(~{E})-prop-1-enyl]phenoxy]-3-[4-(phenylmethyl)piperazin-1-yl]propan-2-ol
3 non-polymer CHOLESTEROL
4 non-polymer '[(2~{R})-1-[[(2~{S})-2,3-bis(oxidanyl)propoxy]-oxidanyl-phosphoryl]oxy-3-nonanoyloxy-propan-2-yl] decanoate'
#
_entity_poly.entity_id   1
_entity_poly.type   'polypeptide(L)'
_entity_poly.pdbx_seq_one_letter_code
;MDYKDDDDKGSGMLLARMNPQVQPENNGADTGPEQPLRARKTAELLVVKERNGVQCLLAPRDGDAQPRETWGKKIDFLLS
VVGFAVDLANVWRFPYLCYKNGGGAFLIPYTLFLIIAGMPLFYMELALGQYNREGAATVWKICPFFKGVGYAVILIALYV
GFYYNVIIAWSLYYLFSSFTLNLPWTDCGHTWNSPNCTDPKLLNGSVLGNHTKYSKYKFTPAAEFYERGVLHLHESSGIH
DIGLPQWQLLLCLMVVVIVLYFSLWKGVKTSGKVVWITATLPYFVLFVLLVHGVTLPGASNGINAYLHIDFYRLKEATVW
IDAATQIFFSLGAGFGVLIAFASYNKFDNNCYRDALLTSSINCITSFVSGFAIFSILGYMAHEHKVNIEDVATEGAGLVF
ILYPEAISTLSGSTFWAVVFFVMLLALGLDSSMGGMEAVITGLADDFQVLKRHRKLFTFGVTFSTFLLALFCITKGGIYV
LTLLDTFAAGTSILFAVLMEAIGVSWFYGVDRFSNDIQQMMGFRPGLYWRLCWKFVSPAFLLFVVVVSIINFKPLTYDDY
IFPPWANWVGWGIALSSMVLVPIYVIYKFLSTQGSLWERLAYGITPENEHHLVAQRDIRQFQLQHWLAI
;
_entity_poly.pdbx_strand_id   A,B
#
# COMPACT_ATOMS: atom_id res chain seq x y z
N ARG A 68 -20.42 -12.74 -23.13
CA ARG A 68 -20.65 -11.80 -22.04
C ARG A 68 -22.12 -11.82 -21.60
N GLU A 69 -22.38 -11.25 -20.43
CA GLU A 69 -23.74 -11.21 -19.90
C GLU A 69 -24.53 -10.06 -20.50
N THR A 70 -25.85 -10.08 -20.28
CA THR A 70 -26.75 -9.05 -20.76
C THR A 70 -27.65 -8.59 -19.62
N TRP A 71 -27.94 -7.30 -19.59
CA TRP A 71 -28.82 -6.76 -18.56
C TRP A 71 -30.26 -7.21 -18.80
N GLY A 72 -31.01 -7.35 -17.71
CA GLY A 72 -32.40 -7.76 -17.81
C GLY A 72 -33.28 -6.68 -18.39
N LYS A 73 -34.52 -7.08 -18.70
CA LYS A 73 -35.48 -6.15 -19.27
C LYS A 73 -35.95 -5.11 -18.26
N LYS A 74 -35.81 -5.38 -16.96
CA LYS A 74 -36.25 -4.43 -15.94
C LYS A 74 -35.35 -3.19 -15.93
N ILE A 75 -34.04 -3.39 -16.04
CA ILE A 75 -33.12 -2.26 -16.05
C ILE A 75 -32.95 -1.64 -17.44
N ASP A 76 -33.29 -2.36 -18.50
CA ASP A 76 -33.18 -1.86 -19.86
C ASP A 76 -34.45 -1.17 -20.33
N PHE A 77 -35.42 -0.97 -19.45
CA PHE A 77 -36.67 -0.30 -19.84
C PHE A 77 -36.42 1.18 -20.11
N LEU A 78 -37.36 1.78 -20.86
CA LEU A 78 -37.23 3.19 -21.19
C LEU A 78 -37.40 4.08 -19.97
N LEU A 79 -38.24 3.67 -19.02
CA LEU A 79 -38.48 4.43 -17.79
C LEU A 79 -37.57 3.99 -16.65
N SER A 80 -36.51 3.23 -16.95
CA SER A 80 -35.56 2.78 -15.94
C SER A 80 -34.24 3.55 -15.97
N VAL A 81 -33.95 4.25 -17.07
CA VAL A 81 -32.70 4.99 -17.18
C VAL A 81 -32.63 6.08 -16.11
N VAL A 82 -33.78 6.60 -15.69
CA VAL A 82 -33.80 7.60 -14.63
C VAL A 82 -33.22 7.03 -13.34
N GLY A 83 -33.39 5.73 -13.12
CA GLY A 83 -32.77 5.09 -11.97
C GLY A 83 -31.26 5.19 -12.00
N PHE A 84 -30.68 5.15 -13.20
CA PHE A 84 -29.24 5.33 -13.33
C PHE A 84 -28.88 6.82 -13.32
N ALA A 85 -29.87 7.70 -13.51
CA ALA A 85 -29.58 9.13 -13.53
C ALA A 85 -29.25 9.65 -12.14
N VAL A 86 -29.78 9.01 -11.10
CA VAL A 86 -29.53 9.43 -9.72
C VAL A 86 -28.16 8.91 -9.29
N ASP A 87 -27.44 9.74 -8.54
CA ASP A 87 -26.11 9.39 -8.08
C ASP A 87 -25.81 10.19 -6.82
N LEU A 88 -24.82 9.72 -6.06
CA LEU A 88 -24.42 10.42 -4.84
C LEU A 88 -23.89 11.81 -5.13
N ALA A 89 -23.28 12.01 -6.31
CA ALA A 89 -22.73 13.31 -6.65
C ALA A 89 -23.83 14.36 -6.78
N ASN A 90 -24.97 13.99 -7.36
CA ASN A 90 -26.06 14.95 -7.52
C ASN A 90 -26.79 15.20 -6.20
N VAL A 91 -26.65 14.30 -5.23
CA VAL A 91 -27.37 14.42 -3.97
C VAL A 91 -26.44 15.02 -2.91
N TRP A 92 -25.15 14.75 -3.02
CA TRP A 92 -24.18 15.21 -2.03
C TRP A 92 -23.16 16.20 -2.59
N ARG A 93 -22.54 15.89 -3.73
CA ARG A 93 -21.45 16.72 -4.23
C ARG A 93 -21.95 17.99 -4.89
N PHE A 94 -23.01 17.88 -5.71
CA PHE A 94 -23.58 19.04 -6.38
C PHE A 94 -24.04 20.11 -5.40
N PRO A 95 -24.79 19.76 -4.31
CA PRO A 95 -25.18 20.76 -3.31
C PRO A 95 -24.04 21.61 -2.76
N TYR A 96 -22.95 20.98 -2.30
CA TYR A 96 -21.86 21.77 -1.65
C TYR A 96 -21.04 22.47 -2.73
N LEU A 97 -20.85 21.83 -3.88
CA LEU A 97 -20.13 22.49 -5.00
C LEU A 97 -20.87 23.77 -5.39
N CYS A 98 -22.21 23.72 -5.46
CA CYS A 98 -22.97 24.92 -5.82
C CYS A 98 -22.94 25.94 -4.70
N TYR A 99 -22.97 25.48 -3.44
CA TYR A 99 -22.91 26.41 -2.32
C TYR A 99 -21.54 27.06 -2.23
N LYS A 100 -20.49 26.31 -2.52
CA LYS A 100 -19.14 26.88 -2.51
C LYS A 100 -18.95 27.88 -3.63
N ASN A 101 -19.58 27.63 -4.78
CA ASN A 101 -19.47 28.52 -5.94
C ASN A 101 -20.47 29.67 -5.90
N GLY A 102 -21.25 29.79 -4.83
CA GLY A 102 -22.14 30.92 -4.68
C GLY A 102 -23.60 30.62 -4.96
N GLY A 103 -23.87 29.83 -6.01
CA GLY A 103 -25.23 29.54 -6.40
C GLY A 103 -25.77 30.52 -7.42
N GLY A 104 -26.27 30.01 -8.53
CA GLY A 104 -26.72 30.83 -9.64
C GLY A 104 -25.62 31.08 -10.65
N ALA A 105 -24.42 31.39 -10.15
CA ALA A 105 -23.24 31.50 -11.00
C ALA A 105 -22.65 30.16 -11.39
N PHE A 106 -23.19 29.06 -10.84
CA PHE A 106 -22.69 27.72 -11.12
C PHE A 106 -23.56 26.96 -12.12
N LEU A 107 -24.82 27.35 -12.29
CA LEU A 107 -25.71 26.64 -13.18
C LEU A 107 -25.37 26.86 -14.65
N ILE A 108 -24.89 28.05 -15.00
CA ILE A 108 -24.54 28.36 -16.39
C ILE A 108 -23.34 27.54 -16.83
N PRO A 109 -22.22 27.49 -16.09
CA PRO A 109 -21.13 26.60 -16.51
C PRO A 109 -21.52 25.14 -16.48
N TYR A 110 -22.32 24.73 -15.50
CA TYR A 110 -22.79 23.35 -15.42
C TYR A 110 -23.57 22.97 -16.68
N THR A 111 -24.57 23.78 -17.03
CA THR A 111 -25.39 23.49 -18.21
C THR A 111 -24.55 23.56 -19.49
N LEU A 112 -23.63 24.51 -19.56
CA LEU A 112 -22.78 24.63 -20.75
C LEU A 112 -21.91 23.39 -20.94
N PHE A 113 -21.23 22.97 -19.88
CA PHE A 113 -20.38 21.78 -19.96
C PHE A 113 -21.22 20.53 -20.18
N LEU A 114 -22.48 20.54 -19.76
CA LEU A 114 -23.36 19.40 -20.02
C LEU A 114 -23.75 19.33 -21.49
N ILE A 115 -24.06 20.49 -22.09
CA ILE A 115 -24.58 20.46 -23.46
C ILE A 115 -23.46 20.36 -24.48
N ILE A 116 -22.26 20.86 -24.18
CA ILE A 116 -21.19 20.83 -25.17
C ILE A 116 -20.10 19.81 -24.85
N ALA A 117 -19.92 19.44 -23.59
CA ALA A 117 -18.85 18.52 -23.22
C ALA A 117 -19.39 17.24 -22.57
N GLY A 118 -20.31 17.39 -21.62
CA GLY A 118 -20.79 16.23 -20.88
C GLY A 118 -21.54 15.25 -21.74
N MET A 119 -22.58 15.72 -22.43
CA MET A 119 -23.39 14.82 -23.24
C MET A 119 -22.64 14.25 -24.44
N PRO A 120 -21.81 15.00 -25.17
CA PRO A 120 -21.01 14.37 -26.23
C PRO A 120 -20.10 13.26 -25.75
N LEU A 121 -19.36 13.50 -24.65
CA LEU A 121 -18.49 12.46 -24.12
C LEU A 121 -19.30 11.28 -23.59
N PHE A 122 -20.48 11.55 -23.03
CA PHE A 122 -21.37 10.49 -22.58
C PHE A 122 -21.77 9.58 -23.74
N TYR A 123 -22.23 10.19 -24.83
CA TYR A 123 -22.62 9.41 -26.02
C TYR A 123 -21.42 8.67 -26.59
N MET A 124 -20.26 9.32 -26.63
CA MET A 124 -19.06 8.68 -27.19
C MET A 124 -18.67 7.45 -26.37
N GLU A 125 -18.65 7.58 -25.05
CA GLU A 125 -18.29 6.44 -24.21
C GLU A 125 -19.33 5.32 -24.31
N LEU A 126 -20.61 5.68 -24.39
CA LEU A 126 -21.65 4.67 -24.56
C LEU A 126 -21.44 3.89 -25.85
N ALA A 127 -21.23 4.60 -26.96
CA ALA A 127 -21.04 3.92 -28.25
C ALA A 127 -19.78 3.08 -28.25
N LEU A 128 -18.70 3.61 -27.64
CA LEU A 128 -17.45 2.86 -27.60
C LEU A 128 -17.59 1.58 -26.79
N GLY A 129 -18.27 1.65 -25.65
CA GLY A 129 -18.48 0.46 -24.85
C GLY A 129 -19.41 -0.53 -25.51
N GLN A 130 -20.40 -0.04 -26.26
CA GLN A 130 -21.30 -0.94 -26.96
C GLN A 130 -20.62 -1.62 -28.14
N TYR A 131 -19.68 -0.93 -28.79
CA TYR A 131 -19.00 -1.49 -29.97
C TYR A 131 -17.88 -2.43 -29.57
N ASN A 132 -16.95 -1.95 -28.74
CA ASN A 132 -15.76 -2.74 -28.42
C ASN A 132 -16.08 -3.98 -27.60
N ARG A 133 -17.17 -3.97 -26.84
CA ARG A 133 -17.56 -5.10 -25.98
C ARG A 133 -16.45 -5.47 -25.01
N GLU A 134 -15.80 -4.45 -24.45
CA GLU A 134 -14.67 -4.64 -23.56
C GLU A 134 -14.85 -3.80 -22.30
N GLY A 135 -13.93 -3.95 -21.37
CA GLY A 135 -13.96 -3.24 -20.11
C GLY A 135 -13.48 -1.81 -20.25
N ALA A 136 -13.06 -1.23 -19.13
CA ALA A 136 -12.63 0.16 -19.13
C ALA A 136 -11.27 0.32 -19.80
N ALA A 137 -10.42 -0.70 -19.70
CA ALA A 137 -9.06 -0.59 -20.22
C ALA A 137 -8.94 -1.21 -21.62
N THR A 138 -9.44 -2.44 -21.79
CA THR A 138 -9.27 -3.14 -23.06
C THR A 138 -10.08 -2.49 -24.18
N VAL A 139 -11.00 -1.59 -23.85
CA VAL A 139 -11.82 -0.90 -24.83
C VAL A 139 -10.93 -0.19 -25.84
N TRP A 140 -9.69 0.10 -25.45
CA TRP A 140 -8.69 0.61 -26.38
C TRP A 140 -7.96 -0.50 -27.11
N LYS A 141 -8.70 -1.44 -27.70
CA LYS A 141 -8.11 -2.40 -28.62
C LYS A 141 -7.91 -1.82 -30.01
N ILE A 142 -8.51 -0.66 -30.29
CA ILE A 142 -8.30 0.02 -31.56
C ILE A 142 -7.05 0.89 -31.57
N CYS A 143 -6.49 1.20 -30.41
CA CYS A 143 -5.28 2.01 -30.32
C CYS A 143 -4.57 1.67 -29.01
N PRO A 144 -3.53 0.84 -29.08
CA PRO A 144 -2.83 0.44 -27.85
C PRO A 144 -2.19 1.59 -27.10
N PHE A 145 -1.72 2.63 -27.80
CA PHE A 145 -1.04 3.74 -27.17
C PHE A 145 -1.90 4.49 -26.17
N PHE A 146 -3.22 4.32 -26.21
CA PHE A 146 -4.12 4.96 -25.26
C PHE A 146 -4.64 4.00 -24.21
N LYS A 147 -4.26 2.71 -24.29
CA LYS A 147 -4.65 1.75 -23.26
C LYS A 147 -4.24 2.21 -21.86
N GLY A 148 -3.12 2.94 -21.73
CA GLY A 148 -2.69 3.45 -20.45
C GLY A 148 -3.68 4.38 -19.79
N VAL A 149 -4.57 5.01 -20.56
CA VAL A 149 -5.58 5.85 -19.93
C VAL A 149 -6.65 4.98 -19.26
N GLY A 150 -6.93 3.80 -19.81
CA GLY A 150 -7.95 2.94 -19.23
C GLY A 150 -7.68 2.62 -17.77
N TYR A 151 -6.57 1.91 -17.51
CA TYR A 151 -6.12 1.71 -16.14
C TYR A 151 -6.22 3.01 -15.34
N ALA A 152 -5.81 4.12 -15.95
CA ALA A 152 -5.87 5.42 -15.27
C ALA A 152 -7.26 5.65 -14.71
N VAL A 153 -8.28 5.68 -15.57
CA VAL A 153 -9.63 5.94 -15.07
C VAL A 153 -10.03 4.85 -14.08
N ILE A 154 -9.59 3.62 -14.31
CA ILE A 154 -9.83 2.56 -13.34
C ILE A 154 -9.28 2.97 -11.98
N LEU A 155 -8.00 3.34 -11.93
CA LEU A 155 -7.43 3.85 -10.69
C LEU A 155 -8.23 5.03 -10.18
N ILE A 156 -8.65 5.92 -11.09
CA ILE A 156 -9.49 7.05 -10.69
C ILE A 156 -10.74 6.54 -9.99
N ALA A 157 -11.42 5.55 -10.61
CA ALA A 157 -12.56 4.94 -9.96
C ALA A 157 -12.17 4.36 -8.60
N LEU A 158 -11.02 3.68 -8.55
CA LEU A 158 -10.53 3.18 -7.27
C LEU A 158 -10.35 4.31 -6.27
N TYR A 159 -9.82 5.45 -6.73
CA TYR A 159 -9.70 6.61 -5.85
C TYR A 159 -11.05 7.00 -5.27
N VAL A 160 -12.10 6.95 -6.10
CA VAL A 160 -13.44 7.25 -5.61
C VAL A 160 -13.82 6.27 -4.50
N GLY A 161 -13.51 4.99 -4.69
CA GLY A 161 -13.80 4.01 -3.66
C GLY A 161 -13.10 4.30 -2.35
N PHE A 162 -12.05 5.12 -2.39
CA PHE A 162 -11.34 5.45 -1.16
C PHE A 162 -12.17 6.38 -0.27
N TYR A 163 -13.15 7.06 -0.87
CA TYR A 163 -13.97 8.03 -0.08
C TYR A 163 -15.47 7.81 -0.29
N TYR A 164 -15.90 7.32 -1.46
CA TYR A 164 -17.36 7.17 -1.71
C TYR A 164 -17.94 6.19 -0.70
N ASN A 165 -17.20 5.12 -0.40
CA ASN A 165 -17.66 4.09 0.56
C ASN A 165 -17.66 4.68 1.97
N VAL A 166 -16.79 5.66 2.22
CA VAL A 166 -16.76 6.31 3.52
C VAL A 166 -18.01 7.16 3.77
N ILE A 167 -18.62 7.71 2.71
CA ILE A 167 -19.80 8.54 2.90
C ILE A 167 -21.01 7.69 3.25
N ILE A 168 -21.23 6.60 2.53
CA ILE A 168 -22.38 5.74 2.79
C ILE A 168 -22.40 5.29 4.24
N ALA A 169 -21.27 4.80 4.74
CA ALA A 169 -21.18 4.39 6.15
C ALA A 169 -21.61 5.51 7.07
N TRP A 170 -21.23 6.75 6.76
CA TRP A 170 -21.71 7.89 7.53
C TRP A 170 -23.22 7.89 7.64
N SER A 171 -23.92 7.82 6.49
CA SER A 171 -25.36 7.74 6.50
C SER A 171 -25.84 6.54 7.31
N LEU A 172 -25.11 5.42 7.21
CA LEU A 172 -25.44 4.25 8.01
C LEU A 172 -25.43 4.58 9.50
N TYR A 173 -24.41 5.32 9.95
CA TYR A 173 -24.40 5.78 11.33
C TYR A 173 -25.61 6.66 11.62
N TYR A 174 -25.96 7.55 10.69
CA TYR A 174 -27.17 8.33 10.83
C TYR A 174 -28.40 7.43 10.93
N LEU A 175 -28.41 6.31 10.21
CA LEU A 175 -29.49 5.34 10.35
C LEU A 175 -29.55 4.83 11.79
N PHE A 176 -28.39 4.55 12.39
CA PHE A 176 -28.36 4.14 13.79
C PHE A 176 -28.85 5.26 14.70
N SER A 177 -28.68 6.50 14.26
CA SER A 177 -29.20 7.65 15.00
C SER A 177 -30.63 7.99 14.62
N SER A 178 -31.25 7.24 13.71
CA SER A 178 -32.60 7.54 13.25
C SER A 178 -33.69 6.82 14.04
N PHE A 179 -33.35 5.74 14.75
CA PHE A 179 -34.34 5.00 15.52
C PHE A 179 -34.45 5.54 16.94
N THR A 180 -34.65 6.85 17.07
CA THR A 180 -34.76 7.50 18.37
C THR A 180 -35.92 8.49 18.34
N LEU A 181 -36.65 8.59 19.45
CA LEU A 181 -37.74 9.56 19.54
C LEU A 181 -37.21 10.98 19.42
N ASN A 182 -36.15 11.31 20.15
CA ASN A 182 -35.51 12.62 20.08
C ASN A 182 -34.26 12.49 19.23
N LEU A 183 -34.26 13.16 18.08
CA LEU A 183 -33.13 13.07 17.17
C LEU A 183 -31.90 13.73 17.79
N PRO A 184 -30.70 13.18 17.59
CA PRO A 184 -29.50 13.76 18.19
C PRO A 184 -29.07 15.08 17.57
N TRP A 185 -29.61 15.44 16.40
CA TRP A 185 -29.26 16.69 15.74
C TRP A 185 -30.34 17.76 15.91
N THR A 186 -31.14 17.66 16.97
CA THR A 186 -32.23 18.60 17.22
C THR A 186 -31.85 19.68 18.24
N ASP A 187 -31.21 19.30 19.34
CA ASP A 187 -30.86 20.24 20.38
C ASP A 187 -29.52 19.85 20.99
N CYS A 188 -29.01 20.70 21.88
CA CYS A 188 -27.74 20.47 22.55
C CYS A 188 -27.98 19.63 23.80
N GLY A 189 -26.95 19.50 24.64
CA GLY A 189 -27.06 18.79 25.90
C GLY A 189 -26.51 17.37 25.89
N HIS A 190 -26.07 16.87 24.74
CA HIS A 190 -25.54 15.51 24.67
C HIS A 190 -24.06 15.51 25.06
N THR A 191 -23.43 14.34 24.93
CA THR A 191 -22.02 14.21 25.29
C THR A 191 -21.12 14.89 24.29
N TRP A 192 -21.36 14.65 22.99
CA TRP A 192 -20.51 15.24 21.96
C TRP A 192 -20.71 16.75 21.87
N ASN A 193 -21.88 17.24 22.27
CA ASN A 193 -22.16 18.67 22.22
C ASN A 193 -21.24 19.44 23.14
N SER A 194 -20.40 20.29 22.55
CA SER A 194 -19.48 21.13 23.31
C SER A 194 -20.26 22.27 23.97
N PRO A 195 -19.65 22.94 24.95
CA PRO A 195 -20.32 24.12 25.54
C PRO A 195 -20.68 25.19 24.52
N ASN A 196 -19.99 25.20 23.37
CA ASN A 196 -20.25 26.24 22.34
C ASN A 196 -21.50 25.92 21.51
N CYS A 197 -22.11 24.74 21.71
CA CYS A 197 -23.32 24.35 20.96
C CYS A 197 -24.42 25.40 21.17
N THR A 198 -25.06 25.86 20.09
CA THR A 198 -26.15 26.86 20.20
C THR A 198 -27.41 26.29 19.61
N ASP A 199 -28.52 26.37 20.34
CA ASP A 199 -29.84 25.88 19.83
C ASP A 199 -30.75 27.07 19.59
N PRO A 200 -31.28 27.28 18.36
CA PRO A 200 -32.11 28.44 18.07
C PRO A 200 -33.32 28.44 18.99
N LYS A 201 -33.91 27.26 19.19
CA LYS A 201 -35.10 27.13 20.08
C LYS A 201 -34.72 27.56 21.50
N LEU A 202 -33.48 27.26 21.92
CA LEU A 202 -33.00 27.62 23.28
C LEU A 202 -32.46 29.07 23.26
N THR A 212 -23.33 33.57 16.77
CA THR A 212 -22.08 33.57 17.54
C THR A 212 -20.93 33.91 16.62
N LYS A 213 -20.92 33.36 15.41
CA LYS A 213 -19.78 33.57 14.49
C LYS A 213 -20.30 33.94 13.09
N TYR A 214 -19.53 34.75 12.35
CA TYR A 214 -19.91 35.16 10.98
C TYR A 214 -18.89 34.60 10.00
N SER A 215 -18.07 33.65 10.45
CA SER A 215 -17.10 33.00 9.53
C SER A 215 -17.75 31.75 8.94
N LYS A 216 -18.12 30.78 9.79
CA LYS A 216 -18.81 29.59 9.32
C LYS A 216 -19.98 29.17 10.20
N TYR A 217 -19.99 29.59 11.46
CA TYR A 217 -21.06 29.28 12.41
C TYR A 217 -21.32 27.78 12.48
N LYS A 218 -20.31 27.05 12.95
CA LYS A 218 -20.40 25.61 13.13
C LYS A 218 -20.90 25.21 14.50
N PHE A 219 -21.68 26.06 15.16
CA PHE A 219 -22.19 25.81 16.50
C PHE A 219 -23.65 25.37 16.50
N THR A 220 -24.08 24.66 15.43
CA THR A 220 -25.43 24.15 15.37
C THR A 220 -25.47 22.68 15.78
N PRO A 221 -26.60 22.21 16.32
CA PRO A 221 -26.68 20.79 16.71
C PRO A 221 -26.36 19.81 15.59
N ALA A 222 -26.85 20.10 14.38
CA ALA A 222 -26.55 19.22 13.24
C ALA A 222 -25.07 19.23 12.87
N ALA A 223 -24.39 20.36 13.08
CA ALA A 223 -22.95 20.41 12.80
C ALA A 223 -22.14 19.79 13.93
N GLU A 224 -22.57 20.00 15.18
CA GLU A 224 -21.87 19.41 16.31
C GLU A 224 -21.99 17.89 16.29
N PHE A 225 -23.16 17.38 15.89
CA PHE A 225 -23.34 15.94 15.81
C PHE A 225 -22.49 15.35 14.68
N TYR A 226 -22.31 16.09 13.59
CA TYR A 226 -21.56 15.57 12.45
C TYR A 226 -20.06 15.63 12.70
N GLU A 227 -19.58 16.73 13.26
CA GLU A 227 -18.14 16.93 13.43
C GLU A 227 -17.61 16.28 14.71
N ARG A 228 -18.41 16.22 15.76
CA ARG A 228 -17.96 15.68 17.03
C ARG A 228 -18.59 14.33 17.36
N GLY A 229 -19.82 14.07 16.93
CA GLY A 229 -20.50 12.84 17.28
C GLY A 229 -20.39 11.76 16.22
N VAL A 230 -19.89 12.11 15.04
CA VAL A 230 -19.73 11.16 13.94
C VAL A 230 -18.27 11.07 13.55
N LEU A 231 -17.69 12.20 13.13
CA LEU A 231 -16.30 12.20 12.68
C LEU A 231 -15.32 12.42 13.83
N HIS A 232 -15.78 13.01 14.94
CA HIS A 232 -14.92 13.34 16.08
C HIS A 232 -13.75 14.23 15.65
N LEU A 233 -14.07 15.29 14.91
CA LEU A 233 -13.04 16.20 14.42
C LEU A 233 -12.38 16.99 15.55
N HIS A 234 -13.06 17.12 16.70
CA HIS A 234 -12.48 17.86 17.81
C HIS A 234 -11.26 17.16 18.41
N GLU A 235 -11.06 15.88 18.10
CA GLU A 235 -9.91 15.12 18.59
C GLU A 235 -8.78 15.09 17.57
N SER A 236 -8.69 16.11 16.71
CA SER A 236 -7.65 16.18 15.70
C SER A 236 -7.44 17.63 15.30
N SER A 237 -6.18 18.05 15.21
CA SER A 237 -5.86 19.43 14.87
C SER A 237 -5.69 19.64 13.37
N GLY A 238 -5.34 18.61 12.63
CA GLY A 238 -5.15 18.75 11.20
C GLY A 238 -4.91 17.41 10.54
N ILE A 239 -4.50 17.48 9.27
CA ILE A 239 -4.24 16.26 8.51
C ILE A 239 -2.99 15.55 9.01
N HIS A 240 -2.09 16.26 9.69
CA HIS A 240 -0.87 15.63 10.20
C HIS A 240 -1.19 14.65 11.33
N ASP A 241 -2.22 14.95 12.10
CA ASP A 241 -2.66 14.08 13.20
C ASP A 241 -4.08 13.61 12.92
N ILE A 242 -4.21 12.50 12.18
CA ILE A 242 -5.52 11.99 11.84
C ILE A 242 -6.13 11.24 13.03
N GLY A 243 -5.30 10.51 13.77
CA GLY A 243 -5.76 9.80 14.94
C GLY A 243 -5.99 8.32 14.69
N LEU A 244 -7.03 7.76 15.31
CA LEU A 244 -7.36 6.35 15.16
C LEU A 244 -8.77 6.21 14.62
N PRO A 245 -9.05 5.19 13.80
CA PRO A 245 -10.40 5.02 13.26
C PRO A 245 -11.44 4.78 14.35
N GLN A 246 -12.54 5.53 14.31
CA GLN A 246 -13.63 5.32 15.26
C GLN A 246 -14.25 3.95 15.07
N TRP A 247 -14.51 3.26 16.19
CA TRP A 247 -15.06 1.90 16.10
C TRP A 247 -16.46 1.90 15.50
N GLN A 248 -17.24 2.96 15.73
CA GLN A 248 -18.55 3.07 15.10
C GLN A 248 -18.43 3.14 13.59
N LEU A 249 -17.63 4.09 13.10
CA LEU A 249 -17.38 4.19 11.66
C LEU A 249 -16.67 2.95 11.14
N LEU A 250 -15.85 2.31 11.96
CA LEU A 250 -15.21 1.05 11.56
C LEU A 250 -16.26 -0.01 11.25
N LEU A 251 -17.19 -0.23 12.18
CA LEU A 251 -18.24 -1.23 11.96
C LEU A 251 -19.15 -0.84 10.81
N CYS A 252 -19.42 0.46 10.66
CA CYS A 252 -20.25 0.91 9.54
C CYS A 252 -19.58 0.61 8.21
N LEU A 253 -18.29 0.93 8.08
CA LEU A 253 -17.58 0.65 6.84
C LEU A 253 -17.44 -0.85 6.60
N MET A 254 -17.31 -1.64 7.67
CA MET A 254 -17.27 -3.08 7.53
C MET A 254 -18.59 -3.61 6.96
N VAL A 255 -19.72 -3.14 7.50
CA VAL A 255 -21.01 -3.56 6.98
C VAL A 255 -21.17 -3.11 5.52
N VAL A 256 -20.70 -1.91 5.20
CA VAL A 256 -20.82 -1.40 3.84
C VAL A 256 -20.03 -2.27 2.87
N VAL A 257 -18.78 -2.60 3.21
CA VAL A 257 -17.98 -3.41 2.30
C VAL A 257 -18.48 -4.84 2.24
N ILE A 258 -19.07 -5.35 3.33
CA ILE A 258 -19.66 -6.68 3.29
C ILE A 258 -20.84 -6.72 2.34
N VAL A 259 -21.70 -5.70 2.41
CA VAL A 259 -22.83 -5.63 1.48
C VAL A 259 -22.33 -5.49 0.04
N LEU A 260 -21.29 -4.67 -0.15
CA LEU A 260 -20.74 -4.48 -1.50
C LEU A 260 -20.17 -5.77 -2.05
N TYR A 261 -19.53 -6.58 -1.20
CA TYR A 261 -18.98 -7.86 -1.65
C TYR A 261 -20.08 -8.87 -1.94
N PHE A 262 -21.06 -8.99 -1.04
CA PHE A 262 -22.15 -9.94 -1.21
C PHE A 262 -23.15 -9.50 -2.28
N SER A 263 -23.01 -8.29 -2.82
CA SER A 263 -23.88 -7.83 -3.89
C SER A 263 -23.19 -7.80 -5.25
N LEU A 264 -21.92 -8.20 -5.33
CA LEU A 264 -21.19 -8.22 -6.60
C LEU A 264 -20.37 -9.48 -6.82
N TRP A 265 -20.36 -10.43 -5.88
CA TRP A 265 -19.53 -11.62 -6.03
C TRP A 265 -20.02 -12.55 -7.12
N LYS A 266 -21.26 -12.38 -7.59
CA LYS A 266 -21.81 -13.22 -8.65
C LYS A 266 -21.93 -12.47 -9.97
N GLY A 267 -21.04 -11.52 -10.22
CA GLY A 267 -21.06 -10.79 -11.47
C GLY A 267 -22.15 -9.73 -11.50
N VAL A 268 -22.50 -9.34 -12.71
CA VAL A 268 -23.54 -8.34 -12.91
C VAL A 268 -24.89 -8.91 -12.53
N LYS A 269 -25.81 -8.04 -12.13
CA LYS A 269 -27.17 -8.42 -11.76
C LYS A 269 -28.13 -7.86 -12.81
N THR A 270 -28.82 -8.76 -13.51
CA THR A 270 -29.78 -8.36 -14.52
C THR A 270 -30.90 -7.51 -13.94
N SER A 271 -31.41 -7.93 -12.78
CA SER A 271 -32.47 -7.19 -12.11
C SER A 271 -32.26 -7.27 -10.61
N GLY A 272 -32.45 -6.13 -9.94
CA GLY A 272 -32.26 -6.06 -8.50
C GLY A 272 -33.20 -5.09 -7.82
N LYS A 273 -33.52 -5.35 -6.56
CA LYS A 273 -34.39 -4.43 -5.81
C LYS A 273 -33.68 -3.11 -5.53
N VAL A 274 -32.35 -3.14 -5.43
CA VAL A 274 -31.60 -1.93 -5.11
C VAL A 274 -31.71 -0.91 -6.24
N VAL A 275 -31.55 -1.37 -7.50
CA VAL A 275 -31.67 -0.46 -8.63
C VAL A 275 -33.12 -0.08 -8.87
N TRP A 276 -34.06 -0.86 -8.34
CA TRP A 276 -35.47 -0.53 -8.50
C TRP A 276 -35.91 0.55 -7.53
N ILE A 277 -35.40 0.50 -6.29
CA ILE A 277 -35.84 1.49 -5.30
C ILE A 277 -35.16 2.84 -5.53
N THR A 278 -34.00 2.86 -6.19
CA THR A 278 -33.31 4.11 -6.46
C THR A 278 -33.94 4.92 -7.59
N ALA A 279 -35.03 4.44 -8.18
CA ALA A 279 -35.69 5.14 -9.27
C ALA A 279 -36.94 5.90 -8.82
N THR A 280 -37.43 5.65 -7.62
CA THR A 280 -38.62 6.33 -7.12
C THR A 280 -38.40 7.02 -5.78
N LEU A 281 -37.56 6.45 -4.91
CA LEU A 281 -37.30 7.07 -3.61
C LEU A 281 -36.57 8.40 -3.70
N PRO A 282 -35.49 8.55 -4.48
CA PRO A 282 -34.82 9.87 -4.54
C PRO A 282 -35.72 10.99 -5.03
N TYR A 283 -36.49 10.74 -6.09
CA TYR A 283 -37.38 11.77 -6.63
C TYR A 283 -38.44 12.15 -5.61
N PHE A 284 -39.01 11.16 -4.91
CA PHE A 284 -40.01 11.44 -3.90
C PHE A 284 -39.42 12.25 -2.75
N VAL A 285 -38.20 11.90 -2.31
CA VAL A 285 -37.56 12.63 -1.23
C VAL A 285 -37.29 14.07 -1.65
N LEU A 286 -36.81 14.25 -2.89
CA LEU A 286 -36.54 15.61 -3.37
C LEU A 286 -37.83 16.42 -3.48
N PHE A 287 -38.92 15.79 -3.92
CA PHE A 287 -40.20 16.50 -4.00
C PHE A 287 -40.69 16.91 -2.63
N VAL A 288 -40.57 16.01 -1.65
CA VAL A 288 -40.98 16.34 -0.28
C VAL A 288 -40.13 17.48 0.26
N LEU A 289 -38.81 17.44 -0.01
CA LEU A 289 -37.93 18.50 0.47
C LEU A 289 -38.28 19.83 -0.18
N LEU A 290 -38.64 19.83 -1.47
CA LEU A 290 -39.04 21.06 -2.13
C LEU A 290 -40.33 21.61 -1.54
N VAL A 291 -41.32 20.73 -1.33
CA VAL A 291 -42.60 21.17 -0.77
C VAL A 291 -42.40 21.72 0.64
N HIS A 292 -41.46 21.15 1.39
CA HIS A 292 -41.18 21.65 2.73
C HIS A 292 -40.44 22.99 2.68
N GLY A 293 -39.51 23.12 1.73
CA GLY A 293 -38.71 24.33 1.68
C GLY A 293 -39.48 25.54 1.18
N VAL A 294 -40.39 25.33 0.23
CA VAL A 294 -41.17 26.45 -0.28
C VAL A 294 -42.12 27.01 0.77
N THR A 295 -42.35 26.29 1.86
CA THR A 295 -43.20 26.76 2.94
C THR A 295 -42.43 27.22 4.17
N LEU A 296 -41.13 26.93 4.24
CA LEU A 296 -40.36 27.33 5.41
C LEU A 296 -40.18 28.84 5.44
N PRO A 297 -40.33 29.48 6.61
CA PRO A 297 -40.11 30.93 6.69
C PRO A 297 -38.65 31.28 6.50
N GLY A 298 -38.38 32.31 5.71
CA GLY A 298 -37.04 32.76 5.45
C GLY A 298 -36.36 32.09 4.26
N ALA A 299 -37.01 31.11 3.63
CA ALA A 299 -36.40 30.45 2.48
C ALA A 299 -36.41 31.34 1.25
N SER A 300 -37.18 32.44 1.28
CA SER A 300 -37.23 33.34 0.13
C SER A 300 -35.87 33.94 -0.16
N ASN A 301 -35.09 34.25 0.88
CA ASN A 301 -33.75 34.78 0.67
C ASN A 301 -32.86 33.76 -0.04
N GLY A 302 -32.92 32.49 0.37
CA GLY A 302 -32.15 31.47 -0.31
C GLY A 302 -32.61 31.25 -1.74
N ILE A 303 -33.91 31.34 -1.99
CA ILE A 303 -34.43 31.20 -3.34
C ILE A 303 -33.91 32.33 -4.23
N ASN A 304 -33.94 33.56 -3.70
CA ASN A 304 -33.44 34.70 -4.46
C ASN A 304 -31.94 34.59 -4.72
N ALA A 305 -31.20 34.09 -3.72
CA ALA A 305 -29.76 33.93 -3.90
C ALA A 305 -29.45 32.84 -4.91
N TYR A 306 -30.29 31.81 -4.98
CA TYR A 306 -30.07 30.75 -5.96
C TYR A 306 -30.37 31.21 -7.37
N LEU A 307 -31.27 32.18 -7.54
CA LEU A 307 -31.62 32.72 -8.84
C LEU A 307 -30.81 33.96 -9.21
N HIS A 308 -29.69 34.21 -8.53
CA HIS A 308 -28.85 35.36 -8.79
C HIS A 308 -27.53 34.88 -9.39
N ILE A 309 -27.17 35.45 -10.54
CA ILE A 309 -25.98 35.05 -11.29
C ILE A 309 -24.87 36.05 -10.99
N ASP A 310 -23.76 35.55 -10.44
CA ASP A 310 -22.59 36.39 -10.14
C ASP A 310 -21.58 36.21 -11.26
N PHE A 311 -21.51 37.20 -12.16
CA PHE A 311 -20.62 37.11 -13.31
C PHE A 311 -19.15 37.18 -12.92
N TYR A 312 -18.82 37.82 -11.79
CA TYR A 312 -17.42 37.87 -11.37
C TYR A 312 -16.92 36.49 -10.99
N ARG A 313 -17.82 35.60 -10.59
CA ARG A 313 -17.43 34.21 -10.33
C ARG A 313 -17.26 33.44 -11.63
N LEU A 314 -18.08 33.75 -12.64
CA LEU A 314 -17.86 33.18 -13.97
C LEU A 314 -16.53 33.60 -14.55
N LYS A 315 -16.09 34.82 -14.23
CA LYS A 315 -14.76 35.26 -14.66
C LYS A 315 -13.67 34.40 -14.05
N GLU A 316 -13.89 33.89 -12.84
CA GLU A 316 -12.94 33.00 -12.21
C GLU A 316 -12.93 31.64 -12.91
N ALA A 317 -11.87 30.88 -12.66
CA ALA A 317 -11.69 29.58 -13.31
C ALA A 317 -12.12 28.41 -12.43
N THR A 318 -12.26 28.61 -11.13
CA THR A 318 -12.61 27.51 -10.23
C THR A 318 -14.02 27.01 -10.49
N VAL A 319 -14.93 27.91 -10.86
CA VAL A 319 -16.32 27.54 -11.11
C VAL A 319 -16.41 26.57 -12.27
N TRP A 320 -15.65 26.83 -13.34
CA TRP A 320 -15.68 25.96 -14.51
C TRP A 320 -15.10 24.58 -14.18
N ILE A 321 -14.02 24.54 -13.39
CA ILE A 321 -13.44 23.26 -13.01
C ILE A 321 -14.42 22.46 -12.16
N ASP A 322 -15.09 23.14 -11.22
CA ASP A 322 -16.07 22.45 -10.38
C ASP A 322 -17.23 21.94 -11.21
N ALA A 323 -17.69 22.73 -12.19
CA ALA A 323 -18.79 22.29 -13.05
C ALA A 323 -18.39 21.08 -13.88
N ALA A 324 -17.17 21.10 -14.43
CA ALA A 324 -16.71 19.97 -15.23
C ALA A 324 -16.59 18.71 -14.38
N THR A 325 -16.02 18.83 -13.18
CA THR A 325 -15.88 17.68 -12.31
C THR A 325 -17.24 17.13 -11.87
N GLN A 326 -18.20 18.03 -11.58
CA GLN A 326 -19.53 17.57 -11.19
C GLN A 326 -20.24 16.90 -12.36
N ILE A 327 -20.08 17.43 -13.57
CA ILE A 327 -20.66 16.78 -14.75
C ILE A 327 -20.09 15.38 -14.93
N PHE A 328 -18.77 15.24 -14.80
CA PHE A 328 -18.15 13.94 -14.99
C PHE A 328 -18.53 12.97 -13.88
N PHE A 329 -18.75 13.48 -12.66
CA PHE A 329 -19.19 12.62 -11.57
C PHE A 329 -20.64 12.16 -11.77
N SER A 330 -21.51 13.07 -12.21
CA SER A 330 -22.93 12.73 -12.36
C SER A 330 -23.15 11.81 -13.56
N LEU A 331 -22.47 12.09 -14.68
CA LEU A 331 -22.65 11.26 -15.87
C LEU A 331 -21.80 10.00 -15.85
N GLY A 332 -20.70 10.00 -15.10
CA GLY A 332 -19.84 8.84 -15.02
C GLY A 332 -18.68 8.82 -15.99
N ALA A 333 -18.56 9.82 -16.86
CA ALA A 333 -17.46 9.86 -17.81
C ALA A 333 -16.14 10.09 -17.07
N GLY A 334 -15.17 9.24 -17.34
CA GLY A 334 -13.87 9.31 -16.69
C GLY A 334 -13.64 8.30 -15.59
N PHE A 335 -14.55 7.34 -15.41
CA PHE A 335 -14.40 6.31 -14.39
C PHE A 335 -14.46 4.89 -14.95
N GLY A 336 -14.91 4.72 -16.19
CA GLY A 336 -15.07 3.40 -16.77
C GLY A 336 -16.42 2.76 -16.53
N VAL A 337 -17.33 3.44 -15.84
CA VAL A 337 -18.64 2.86 -15.55
C VAL A 337 -19.48 2.79 -16.81
N LEU A 338 -19.42 3.82 -17.65
CA LEU A 338 -20.23 3.85 -18.85
C LEU A 338 -19.81 2.77 -19.85
N ILE A 339 -18.50 2.62 -20.06
CA ILE A 339 -18.01 1.61 -21.00
C ILE A 339 -18.36 0.21 -20.51
N ALA A 340 -18.17 -0.04 -19.22
CA ALA A 340 -18.50 -1.35 -18.66
C ALA A 340 -19.99 -1.63 -18.75
N PHE A 341 -20.82 -0.61 -18.53
CA PHE A 341 -22.26 -0.79 -18.64
C PHE A 341 -22.66 -1.08 -20.08
N ALA A 342 -22.11 -0.35 -21.04
CA ALA A 342 -22.44 -0.57 -22.44
C ALA A 342 -21.89 -1.88 -22.98
N SER A 343 -20.84 -2.43 -22.35
CA SER A 343 -20.29 -3.69 -22.81
C SER A 343 -21.27 -4.85 -22.64
N TYR A 344 -22.21 -4.75 -21.70
CA TYR A 344 -23.20 -5.79 -21.49
C TYR A 344 -24.56 -5.46 -22.10
N ASN A 345 -24.68 -4.31 -22.77
CA ASN A 345 -25.93 -3.94 -23.42
C ASN A 345 -26.09 -4.70 -24.73
N LYS A 346 -27.18 -4.41 -25.43
CA LYS A 346 -27.45 -5.05 -26.70
C LYS A 346 -26.73 -4.32 -27.84
N PHE A 347 -26.77 -4.92 -29.03
CA PHE A 347 -26.12 -4.37 -30.20
C PHE A 347 -27.02 -3.41 -30.98
N ASP A 348 -28.19 -3.07 -30.43
CA ASP A 348 -29.10 -2.13 -31.07
C ASP A 348 -29.61 -1.06 -30.13
N ASN A 349 -29.05 -0.94 -28.92
CA ASN A 349 -29.49 0.07 -27.97
C ASN A 349 -29.19 1.47 -28.49
N ASN A 350 -30.22 2.32 -28.49
CA ASN A 350 -30.09 3.70 -28.97
C ASN A 350 -29.52 4.56 -27.85
N CYS A 351 -28.19 4.67 -27.85
CA CYS A 351 -27.52 5.47 -26.83
C CYS A 351 -27.77 6.96 -26.99
N TYR A 352 -28.26 7.40 -28.15
CA TYR A 352 -28.57 8.81 -28.34
C TYR A 352 -29.73 9.25 -27.46
N ARG A 353 -30.85 8.52 -27.54
CA ARG A 353 -32.00 8.82 -26.69
C ARG A 353 -31.64 8.64 -25.23
N ASP A 354 -30.86 7.61 -24.91
CA ASP A 354 -30.46 7.39 -23.52
C ASP A 354 -29.63 8.56 -23.00
N ALA A 355 -28.70 9.06 -23.80
CA ALA A 355 -27.88 10.19 -23.39
C ALA A 355 -28.73 11.44 -23.22
N LEU A 356 -29.66 11.68 -24.16
CA LEU A 356 -30.55 12.84 -24.03
C LEU A 356 -31.35 12.78 -22.74
N LEU A 357 -31.99 11.64 -22.48
CA LEU A 357 -32.81 11.50 -21.28
C LEU A 357 -31.97 11.63 -20.01
N THR A 358 -30.78 11.00 -20.01
CA THR A 358 -29.90 11.07 -18.85
C THR A 358 -29.50 12.52 -18.56
N SER A 359 -29.09 13.25 -19.60
CA SER A 359 -28.67 14.63 -19.42
C SER A 359 -29.82 15.49 -18.91
N SER A 360 -31.01 15.33 -19.51
CA SER A 360 -32.16 16.14 -19.11
C SER A 360 -32.55 15.86 -17.66
N ILE A 361 -32.64 14.57 -17.30
CA ILE A 361 -33.07 14.21 -15.95
C ILE A 361 -32.02 14.65 -14.93
N ASN A 362 -30.74 14.53 -15.29
CA ASN A 362 -29.68 14.94 -14.37
C ASN A 362 -29.70 16.44 -14.16
N CYS A 363 -29.94 17.21 -15.24
CA CYS A 363 -30.01 18.67 -15.10
C CYS A 363 -31.20 19.06 -14.23
N ILE A 364 -32.35 18.44 -14.44
CA ILE A 364 -33.53 18.77 -13.64
C ILE A 364 -33.32 18.40 -12.18
N THR A 365 -32.69 17.24 -11.94
CA THR A 365 -32.44 16.80 -10.57
C THR A 365 -31.45 17.74 -9.87
N SER A 366 -30.39 18.14 -10.58
CA SER A 366 -29.43 19.08 -9.99
C SER A 366 -30.10 20.42 -9.69
N PHE A 367 -30.95 20.89 -10.60
CA PHE A 367 -31.63 22.17 -10.38
C PHE A 367 -32.53 22.10 -9.15
N VAL A 368 -33.35 21.06 -9.05
CA VAL A 368 -34.27 20.98 -7.90
C VAL A 368 -33.50 20.73 -6.61
N SER A 369 -32.39 20.00 -6.67
CA SER A 369 -31.59 19.77 -5.47
C SER A 369 -30.95 21.07 -4.98
N GLY A 370 -30.41 21.86 -5.91
CA GLY A 370 -29.87 23.16 -5.53
C GLY A 370 -30.94 24.09 -4.99
N PHE A 371 -32.14 24.03 -5.57
CA PHE A 371 -33.25 24.85 -5.08
C PHE A 371 -33.60 24.48 -3.64
N ALA A 372 -33.73 23.17 -3.37
CA ALA A 372 -34.03 22.73 -2.02
C ALA A 372 -32.91 23.08 -1.05
N ILE A 373 -31.67 22.95 -1.50
CA ILE A 373 -30.51 23.27 -0.65
C ILE A 373 -30.54 24.75 -0.27
N PHE A 374 -30.80 25.62 -1.24
CA PHE A 374 -30.83 27.05 -0.93
C PHE A 374 -32.06 27.42 -0.11
N SER A 375 -33.17 26.71 -0.28
CA SER A 375 -34.33 26.94 0.58
C SER A 375 -34.00 26.61 2.03
N ILE A 376 -33.35 25.46 2.25
CA ILE A 376 -32.98 25.07 3.61
C ILE A 376 -31.95 26.03 4.17
N LEU A 377 -31.04 26.51 3.31
CA LEU A 377 -30.04 27.50 3.76
C LEU A 377 -30.71 28.79 4.20
N GLY A 378 -31.69 29.28 3.43
CA GLY A 378 -32.42 30.47 3.83
C GLY A 378 -33.20 30.26 5.11
N TYR A 379 -33.79 29.07 5.28
CA TYR A 379 -34.52 28.77 6.51
C TYR A 379 -33.57 28.80 7.71
N MET A 380 -32.39 28.18 7.57
CA MET A 380 -31.44 28.16 8.68
C MET A 380 -30.88 29.55 8.96
N ALA A 381 -30.71 30.36 7.90
CA ALA A 381 -30.26 31.73 8.08
C ALA A 381 -31.30 32.56 8.83
N HIS A 382 -32.58 32.33 8.54
CA HIS A 382 -33.64 33.04 9.25
C HIS A 382 -33.74 32.57 10.70
N GLU A 383 -33.54 31.27 10.93
CA GLU A 383 -33.66 30.75 12.30
C GLU A 383 -32.49 31.14 13.17
N HIS A 384 -31.27 31.15 12.62
CA HIS A 384 -30.07 31.42 13.40
C HIS A 384 -29.61 32.88 13.30
N LYS A 385 -30.24 33.68 12.45
CA LYS A 385 -29.88 35.09 12.26
C LYS A 385 -28.43 35.24 11.82
N VAL A 386 -27.98 34.35 10.93
CA VAL A 386 -26.64 34.39 10.37
C VAL A 386 -26.76 34.57 8.86
N ASN A 387 -25.71 35.09 8.25
CA ASN A 387 -25.68 35.29 6.81
C ASN A 387 -25.77 33.95 6.09
N ILE A 388 -26.33 33.98 4.88
CA ILE A 388 -26.52 32.76 4.10
C ILE A 388 -25.18 32.14 3.70
N GLU A 389 -24.20 32.98 3.35
CA GLU A 389 -22.90 32.49 2.94
C GLU A 389 -22.04 32.03 4.11
N ASP A 390 -22.48 32.28 5.35
CA ASP A 390 -21.70 31.91 6.52
C ASP A 390 -22.52 31.13 7.55
N VAL A 391 -23.61 30.50 7.12
CA VAL A 391 -24.45 29.73 8.04
C VAL A 391 -24.08 28.25 8.08
N ALA A 392 -23.39 27.75 7.06
CA ALA A 392 -23.01 26.35 7.02
C ALA A 392 -21.65 26.21 6.33
N THR A 393 -21.11 25.01 6.36
CA THR A 393 -19.80 24.76 5.78
C THR A 393 -19.92 24.49 4.28
N GLU A 394 -18.77 24.50 3.61
CA GLU A 394 -18.68 24.25 2.17
C GLU A 394 -17.87 22.98 1.89
N GLY A 395 -18.06 21.96 2.71
CA GLY A 395 -17.31 20.72 2.55
C GLY A 395 -18.19 19.53 2.20
N ALA A 396 -17.65 18.32 2.40
CA ALA A 396 -18.38 17.10 2.06
C ALA A 396 -19.47 16.76 3.06
N GLY A 397 -19.64 17.56 4.12
CA GLY A 397 -20.67 17.31 5.11
C GLY A 397 -21.83 18.28 5.09
N LEU A 398 -22.06 18.99 3.99
CA LEU A 398 -23.15 19.97 3.96
C LEU A 398 -24.51 19.28 3.99
N VAL A 399 -24.69 18.23 3.18
CA VAL A 399 -25.97 17.55 3.10
C VAL A 399 -26.34 16.86 4.39
N PHE A 400 -25.37 16.60 5.26
CA PHE A 400 -25.62 16.02 6.57
C PHE A 400 -25.97 17.07 7.63
N ILE A 401 -26.12 18.33 7.22
CA ILE A 401 -26.46 19.41 8.14
C ILE A 401 -27.77 20.06 7.71
N LEU A 402 -27.90 20.30 6.40
CA LEU A 402 -29.10 20.97 5.89
C LEU A 402 -30.30 20.03 5.88
N TYR A 403 -30.15 18.87 5.24
CA TYR A 403 -31.27 17.93 5.10
C TYR A 403 -31.79 17.44 6.46
N PRO A 404 -30.96 17.05 7.43
CA PRO A 404 -31.55 16.58 8.72
C PRO A 404 -32.39 17.61 9.43
N GLU A 405 -31.92 18.86 9.53
CA GLU A 405 -32.67 19.88 10.25
C GLU A 405 -34.06 20.09 9.66
N ALA A 406 -34.17 20.08 8.32
CA ALA A 406 -35.47 20.18 7.69
C ALA A 406 -36.37 19.03 8.12
N ILE A 407 -35.80 17.82 8.21
CA ILE A 407 -36.57 16.68 8.69
C ILE A 407 -37.04 16.92 10.12
N SER A 408 -36.24 17.64 10.90
CA SER A 408 -36.66 17.97 12.27
C SER A 408 -37.89 18.86 12.28
N THR A 409 -38.09 19.65 11.21
CA THR A 409 -39.25 20.53 11.16
C THR A 409 -40.51 19.78 10.72
N LEU A 410 -40.37 18.83 9.80
CA LEU A 410 -41.53 18.07 9.34
C LEU A 410 -42.11 17.21 10.46
N SER A 411 -43.43 17.04 10.44
CA SER A 411 -44.09 16.19 11.41
C SER A 411 -43.64 14.75 11.23
N GLY A 412 -43.43 14.06 12.35
CA GLY A 412 -42.91 12.71 12.31
C GLY A 412 -41.50 12.66 11.77
N SER A 413 -40.57 13.30 12.49
CA SER A 413 -39.20 13.41 12.01
C SER A 413 -38.53 12.04 11.91
N THR A 414 -38.94 11.10 12.76
CA THR A 414 -38.30 9.78 12.76
C THR A 414 -38.52 9.05 11.44
N PHE A 415 -39.76 9.00 10.96
CA PHE A 415 -40.06 8.27 9.74
C PHE A 415 -39.38 8.90 8.52
N TRP A 416 -39.46 10.22 8.40
CA TRP A 416 -38.82 10.89 7.27
C TRP A 416 -37.31 10.76 7.32
N ALA A 417 -36.72 10.81 8.52
CA ALA A 417 -35.27 10.64 8.65
C ALA A 417 -34.87 9.23 8.25
N VAL A 418 -35.64 8.22 8.67
CA VAL A 418 -35.34 6.85 8.29
C VAL A 418 -35.43 6.68 6.78
N VAL A 419 -36.48 7.25 6.17
CA VAL A 419 -36.65 7.12 4.72
C VAL A 419 -35.49 7.80 3.98
N PHE A 420 -35.10 8.99 4.45
CA PHE A 420 -34.01 9.72 3.81
C PHE A 420 -32.68 8.97 3.93
N PHE A 421 -32.42 8.39 5.11
CA PHE A 421 -31.18 7.65 5.30
C PHE A 421 -31.18 6.36 4.48
N VAL A 422 -32.33 5.70 4.35
CA VAL A 422 -32.39 4.50 3.51
C VAL A 422 -32.18 4.86 2.05
N MET A 423 -32.74 6.00 1.61
CA MET A 423 -32.51 6.45 0.23
C MET A 423 -31.03 6.75 0.00
N LEU A 424 -30.39 7.43 0.95
CA LEU A 424 -28.96 7.71 0.82
C LEU A 424 -28.14 6.43 0.76
N LEU A 425 -28.43 5.48 1.65
CA LEU A 425 -27.72 4.21 1.63
C LEU A 425 -27.92 3.50 0.30
N ALA A 426 -29.15 3.53 -0.21
CA ALA A 426 -29.46 2.89 -1.51
C ALA A 426 -28.61 3.55 -2.61
N LEU A 427 -28.82 4.84 -2.88
CA LEU A 427 -28.10 5.50 -4.00
C LEU A 427 -26.58 5.39 -3.76
N GLY A 428 -26.14 5.47 -2.51
CA GLY A 428 -24.70 5.36 -2.20
C GLY A 428 -24.16 4.00 -2.60
N LEU A 429 -24.86 2.93 -2.21
CA LEU A 429 -24.39 1.55 -2.54
C LEU A 429 -24.48 1.32 -4.05
N ASP A 430 -25.56 1.79 -4.68
CA ASP A 430 -25.75 1.60 -6.15
C ASP A 430 -24.58 2.25 -6.90
N SER A 431 -24.10 3.40 -6.41
CA SER A 431 -22.95 4.09 -7.06
C SER A 431 -21.65 3.32 -6.81
N SER A 432 -21.46 2.79 -5.59
CA SER A 432 -20.23 2.02 -5.26
C SER A 432 -20.21 0.75 -6.12
N MET A 433 -21.34 0.08 -6.25
CA MET A 433 -21.42 -1.15 -7.09
C MET A 433 -21.05 -0.78 -8.54
N GLY A 434 -21.64 0.29 -9.07
CA GLY A 434 -21.36 0.71 -10.45
C GLY A 434 -19.88 1.02 -10.63
N GLY A 435 -19.29 1.75 -9.70
CA GLY A 435 -17.86 2.12 -9.80
C GLY A 435 -16.94 0.93 -9.64
N MET A 436 -17.24 0.04 -8.69
CA MET A 436 -16.43 -1.18 -8.47
C MET A 436 -16.56 -2.10 -9.69
N GLU A 437 -17.76 -2.21 -10.24
CA GLU A 437 -17.95 -3.03 -11.47
C GLU A 437 -17.00 -2.52 -12.56
N ALA A 438 -16.90 -1.21 -12.72
CA ALA A 438 -16.02 -0.61 -13.75
C ALA A 438 -14.59 -1.10 -13.54
N VAL A 439 -14.12 -1.10 -12.29
CA VAL A 439 -12.74 -1.59 -11.98
C VAL A 439 -12.65 -3.08 -12.33
N ILE A 440 -13.59 -3.91 -11.86
CA ILE A 440 -13.51 -5.38 -12.08
C ILE A 440 -13.69 -5.72 -13.57
N THR A 441 -14.80 -5.29 -14.19
CA THR A 441 -15.06 -5.61 -15.62
C THR A 441 -13.83 -5.32 -16.43
N GLY A 442 -13.15 -4.21 -16.15
CA GLY A 442 -11.95 -3.82 -16.88
C GLY A 442 -10.76 -4.71 -16.57
N LEU A 443 -10.50 -4.95 -15.29
CA LEU A 443 -9.33 -5.74 -14.92
C LEU A 443 -9.50 -7.21 -15.30
N ALA A 444 -10.75 -7.67 -15.46
CA ALA A 444 -10.99 -9.04 -15.88
C ALA A 444 -10.86 -9.19 -17.39
N ASP A 445 -11.34 -8.19 -18.14
CA ASP A 445 -11.10 -8.18 -19.58
C ASP A 445 -9.62 -8.04 -19.88
N ASP A 446 -8.85 -7.42 -18.97
CA ASP A 446 -7.40 -7.39 -19.13
C ASP A 446 -6.79 -8.75 -18.81
N PHE A 447 -7.16 -9.35 -17.68
CA PHE A 447 -6.62 -10.63 -17.24
C PHE A 447 -7.77 -11.62 -17.06
N GLN A 448 -7.84 -12.61 -17.95
CA GLN A 448 -8.99 -13.56 -17.91
C GLN A 448 -8.89 -14.46 -16.66
N VAL A 449 -7.73 -14.50 -16.02
CA VAL A 449 -7.62 -15.27 -14.74
C VAL A 449 -8.62 -14.68 -13.74
N LEU A 450 -8.65 -13.35 -13.62
CA LEU A 450 -9.53 -12.68 -12.62
C LEU A 450 -11.01 -12.86 -13.01
N LYS A 451 -11.28 -13.17 -14.29
CA LYS A 451 -12.69 -13.41 -14.73
C LYS A 451 -13.24 -14.63 -13.99
N ARG A 452 -12.43 -15.69 -13.86
CA ARG A 452 -12.90 -16.93 -13.19
C ARG A 452 -12.82 -16.78 -11.67
N HIS A 453 -11.81 -16.07 -11.17
CA HIS A 453 -11.68 -15.85 -9.70
C HIS A 453 -12.44 -14.58 -9.32
N ARG A 454 -13.74 -14.52 -9.65
CA ARG A 454 -14.56 -13.30 -9.38
C ARG A 454 -14.68 -13.07 -7.87
N LYS A 455 -15.12 -14.08 -7.11
CA LYS A 455 -15.36 -13.89 -5.66
C LYS A 455 -14.05 -13.53 -4.96
N LEU A 456 -12.93 -14.13 -5.38
CA LEU A 456 -11.62 -13.82 -4.78
C LEU A 456 -11.15 -12.43 -5.26
N PHE A 457 -11.34 -12.13 -6.54
CA PHE A 457 -10.96 -10.79 -7.08
C PHE A 457 -11.83 -9.72 -6.43
N THR A 458 -13.15 -9.87 -6.52
CA THR A 458 -14.06 -8.92 -5.86
C THR A 458 -13.53 -8.66 -4.48
N PHE A 459 -13.21 -9.73 -3.73
CA PHE A 459 -12.76 -9.55 -2.33
C PHE A 459 -11.54 -8.63 -2.33
N GLY A 460 -10.57 -8.90 -3.18
CA GLY A 460 -9.34 -8.09 -3.23
C GLY A 460 -9.68 -6.62 -3.44
N VAL A 461 -10.51 -6.32 -4.45
CA VAL A 461 -10.87 -4.90 -4.76
C VAL A 461 -11.55 -4.29 -3.53
N THR A 462 -12.61 -4.95 -3.03
CA THR A 462 -13.38 -4.39 -1.90
C THR A 462 -12.50 -4.27 -0.67
N PHE A 463 -11.69 -5.30 -0.39
CA PHE A 463 -10.86 -5.30 0.85
C PHE A 463 -9.80 -4.20 0.74
N SER A 464 -9.17 -4.06 -0.42
CA SER A 464 -8.16 -2.99 -0.63
C SER A 464 -8.82 -1.63 -0.39
N THR A 465 -10.02 -1.44 -0.95
CA THR A 465 -10.76 -0.17 -0.76
C THR A 465 -11.03 0.03 0.72
N PHE A 466 -11.48 -1.02 1.42
CA PHE A 466 -11.82 -0.90 2.86
C PHE A 466 -10.59 -0.43 3.64
N LEU A 467 -9.43 -1.00 3.35
CA LEU A 467 -8.18 -0.66 4.09
C LEU A 467 -7.79 0.78 3.74
N LEU A 468 -7.46 1.04 2.48
CA LEU A 468 -7.08 2.38 2.04
C LEU A 468 -8.13 3.43 2.35
N ALA A 469 -9.32 3.03 2.79
CA ALA A 469 -10.34 3.97 3.25
C ALA A 469 -10.38 4.09 4.77
N LEU A 470 -9.72 3.17 5.49
CA LEU A 470 -9.61 3.30 6.95
C LEU A 470 -9.04 4.66 7.34
N PHE A 471 -8.36 5.31 6.39
CA PHE A 471 -7.74 6.64 6.63
C PHE A 471 -8.76 7.70 6.74
N CYS A 472 -9.92 7.52 6.12
CA CYS A 472 -10.95 8.58 6.04
C CYS A 472 -11.99 8.37 7.12
N ILE A 473 -11.80 7.40 8.02
CA ILE A 473 -12.76 7.28 9.16
C ILE A 473 -12.02 7.63 10.47
N THR A 474 -10.81 8.18 10.35
CA THR A 474 -10.01 8.58 11.53
C THR A 474 -10.57 9.87 12.07
N LYS A 475 -10.04 10.34 13.21
CA LYS A 475 -10.57 11.58 13.84
C LYS A 475 -10.47 12.74 12.84
N GLY A 476 -9.42 12.74 12.01
CA GLY A 476 -9.25 13.78 10.98
C GLY A 476 -9.29 13.20 9.59
N GLY A 477 -10.13 12.18 9.39
CA GLY A 477 -10.29 11.57 8.07
C GLY A 477 -11.04 12.41 7.07
N ILE A 478 -11.81 13.40 7.53
CA ILE A 478 -12.54 14.27 6.62
C ILE A 478 -11.56 15.09 5.78
N TYR A 479 -10.41 15.44 6.36
CA TYR A 479 -9.39 16.17 5.60
C TYR A 479 -8.85 15.34 4.47
N VAL A 480 -8.53 14.06 4.73
CA VAL A 480 -8.03 13.18 3.68
C VAL A 480 -9.12 12.92 2.65
N LEU A 481 -10.37 12.82 3.09
CA LEU A 481 -11.47 12.62 2.16
C LEU A 481 -11.61 13.80 1.22
N THR A 482 -11.52 15.03 1.76
CA THR A 482 -11.59 16.22 0.91
C THR A 482 -10.38 16.29 -0.02
N LEU A 483 -9.20 15.92 0.47
CA LEU A 483 -8.01 15.91 -0.37
C LEU A 483 -8.18 14.96 -1.55
N LEU A 484 -8.72 13.77 -1.29
CA LEU A 484 -8.94 12.81 -2.37
C LEU A 484 -10.02 13.30 -3.33
N ASP A 485 -11.09 13.91 -2.80
CA ASP A 485 -12.15 14.41 -3.66
C ASP A 485 -11.68 15.56 -4.53
N THR A 486 -10.70 16.33 -4.06
CA THR A 486 -10.20 17.48 -4.81
C THR A 486 -9.10 17.14 -5.79
N PHE A 487 -8.16 16.26 -5.41
CA PHE A 487 -6.97 15.98 -6.20
C PHE A 487 -7.02 14.65 -6.93
N ALA A 488 -7.45 13.58 -6.26
CA ALA A 488 -7.48 12.27 -6.89
C ALA A 488 -8.50 12.23 -8.02
N ALA A 489 -9.55 13.04 -7.91
CA ALA A 489 -10.59 13.12 -8.93
C ALA A 489 -10.74 14.58 -9.39
N GLY A 490 -9.61 15.23 -9.62
CA GLY A 490 -9.61 16.61 -10.07
C GLY A 490 -9.14 16.77 -11.49
N THR A 491 -7.88 17.20 -11.66
CA THR A 491 -7.33 17.36 -13.00
C THR A 491 -7.00 16.02 -13.66
N SER A 492 -6.88 14.95 -12.85
CA SER A 492 -6.55 13.65 -13.39
C SER A 492 -7.64 13.14 -14.32
N ILE A 493 -8.90 13.21 -13.88
CA ILE A 493 -9.99 12.75 -14.73
C ILE A 493 -10.16 13.65 -15.95
N LEU A 494 -9.88 14.94 -15.81
CA LEU A 494 -9.92 15.84 -16.97
C LEU A 494 -8.89 15.43 -18.01
N PHE A 495 -7.65 15.19 -17.58
CA PHE A 495 -6.62 14.73 -18.51
C PHE A 495 -6.98 13.39 -19.11
N ALA A 496 -7.58 12.50 -18.32
CA ALA A 496 -7.96 11.18 -18.83
C ALA A 496 -9.00 11.29 -19.93
N VAL A 497 -10.07 12.07 -19.69
CA VAL A 497 -11.10 12.21 -20.70
C VAL A 497 -10.60 12.99 -21.91
N LEU A 498 -9.65 13.91 -21.70
CA LEU A 498 -9.04 14.61 -22.83
C LEU A 498 -8.25 13.64 -23.71
N MET A 499 -7.46 12.76 -23.08
CA MET A 499 -6.73 11.75 -23.84
C MET A 499 -7.68 10.80 -24.55
N GLU A 500 -8.79 10.45 -23.90
CA GLU A 500 -9.78 9.58 -24.53
C GLU A 500 -10.37 10.23 -25.77
N ALA A 501 -10.76 11.51 -25.65
CA ALA A 501 -11.32 12.22 -26.80
C ALA A 501 -10.31 12.35 -27.92
N ILE A 502 -9.04 12.60 -27.58
CA ILE A 502 -8.01 12.71 -28.60
C ILE A 502 -7.79 11.37 -29.29
N GLY A 503 -7.80 10.28 -28.53
CA GLY A 503 -7.59 8.97 -29.12
C GLY A 503 -8.75 8.47 -29.96
N VAL A 504 -9.97 8.90 -29.63
CA VAL A 504 -11.16 8.47 -30.35
C VAL A 504 -11.40 9.33 -31.59
N SER A 505 -11.25 10.65 -31.48
CA SER A 505 -11.61 11.55 -32.56
C SER A 505 -10.47 11.78 -33.55
N TRP A 506 -9.21 11.68 -33.11
CA TRP A 506 -8.07 11.98 -33.95
C TRP A 506 -7.29 10.72 -34.34
N PHE A 507 -6.87 9.92 -33.36
CA PHE A 507 -6.10 8.72 -33.67
C PHE A 507 -6.96 7.64 -34.28
N TYR A 508 -8.15 7.41 -33.72
CA TYR A 508 -9.06 6.40 -34.28
C TYR A 508 -9.80 6.95 -35.49
N GLY A 509 -10.35 8.16 -35.36
CA GLY A 509 -11.06 8.79 -36.46
C GLY A 509 -12.54 8.95 -36.20
N VAL A 510 -13.08 10.14 -36.49
CA VAL A 510 -14.51 10.37 -36.30
C VAL A 510 -15.31 9.61 -37.35
N ASP A 511 -14.73 9.36 -38.52
CA ASP A 511 -15.45 8.65 -39.58
C ASP A 511 -15.71 7.20 -39.18
N ARG A 512 -14.70 6.52 -38.63
CA ARG A 512 -14.89 5.14 -38.20
C ARG A 512 -15.88 5.05 -37.06
N PHE A 513 -15.81 6.01 -36.12
CA PHE A 513 -16.77 6.03 -35.01
C PHE A 513 -18.20 6.24 -35.53
N SER A 514 -18.36 7.13 -36.50
CA SER A 514 -19.69 7.36 -37.07
C SER A 514 -20.19 6.13 -37.82
N ASN A 515 -19.30 5.44 -38.53
CA ASN A 515 -19.70 4.21 -39.22
C ASN A 515 -20.09 3.13 -38.22
N ASP A 516 -19.38 3.04 -37.10
CA ASP A 516 -19.75 2.07 -36.07
C ASP A 516 -21.11 2.40 -35.47
N ILE A 517 -21.35 3.68 -35.17
CA ILE A 517 -22.66 4.08 -34.64
C ILE A 517 -23.76 3.79 -35.65
N GLN A 518 -23.47 3.99 -36.94
CA GLN A 518 -24.47 3.72 -37.97
C GLN A 518 -24.78 2.23 -38.07
N GLN A 519 -23.74 1.39 -38.03
CA GLN A 519 -23.96 -0.05 -38.14
C GLN A 519 -24.55 -0.64 -36.86
N MET A 520 -24.43 0.05 -35.73
CA MET A 520 -25.03 -0.43 -34.50
C MET A 520 -26.49 0.03 -34.35
N MET A 521 -26.77 1.30 -34.62
CA MET A 521 -28.10 1.86 -34.39
C MET A 521 -28.91 2.09 -35.66
N GLY A 522 -28.27 2.41 -36.78
CA GLY A 522 -28.98 2.67 -38.01
C GLY A 522 -28.95 4.11 -38.50
N PHE A 523 -28.23 4.99 -37.83
CA PHE A 523 -28.14 6.39 -38.23
C PHE A 523 -26.76 6.93 -37.90
N ARG A 524 -26.30 7.89 -38.71
CA ARG A 524 -25.01 8.52 -38.51
C ARG A 524 -25.16 9.76 -37.63
N PRO A 525 -24.16 10.04 -36.78
CA PRO A 525 -24.23 11.25 -35.95
C PRO A 525 -24.17 12.51 -36.78
N GLY A 526 -24.89 13.54 -36.33
CA GLY A 526 -24.91 14.79 -37.04
C GLY A 526 -23.61 15.56 -36.95
N LEU A 527 -23.56 16.69 -37.67
CA LEU A 527 -22.39 17.55 -37.67
C LEU A 527 -22.04 18.03 -36.26
N TYR A 528 -23.06 18.33 -35.46
CA TYR A 528 -22.84 18.85 -34.11
C TYR A 528 -22.06 17.87 -33.25
N TRP A 529 -22.48 16.60 -33.23
CA TRP A 529 -21.83 15.60 -32.38
C TRP A 529 -20.39 15.38 -32.79
N ARG A 530 -20.13 15.29 -34.10
CA ARG A 530 -18.76 15.08 -34.56
C ARG A 530 -17.88 16.28 -34.28
N LEU A 531 -18.41 17.50 -34.49
CA LEU A 531 -17.64 18.70 -34.19
C LEU A 531 -17.34 18.83 -32.71
N CYS A 532 -18.27 18.38 -31.86
CA CYS A 532 -18.01 18.39 -30.43
C CYS A 532 -16.96 17.36 -30.05
N TRP A 533 -17.08 16.14 -30.58
CA TRP A 533 -16.14 15.08 -30.26
C TRP A 533 -14.73 15.41 -30.74
N LYS A 534 -14.62 16.12 -31.87
CA LYS A 534 -13.32 16.37 -32.46
C LYS A 534 -12.73 17.72 -32.07
N PHE A 535 -13.54 18.77 -32.00
CA PHE A 535 -13.04 20.13 -31.79
C PHE A 535 -13.49 20.72 -30.46
N VAL A 536 -14.80 20.75 -30.18
CA VAL A 536 -15.30 21.51 -29.03
C VAL A 536 -14.86 20.87 -27.72
N SER A 537 -15.23 19.60 -27.51
CA SER A 537 -14.92 18.94 -26.24
C SER A 537 -13.43 18.83 -25.97
N PRO A 538 -12.59 18.43 -26.94
CA PRO A 538 -11.14 18.42 -26.66
C PRO A 538 -10.57 19.79 -26.31
N ALA A 539 -11.01 20.84 -27.02
CA ALA A 539 -10.53 22.18 -26.72
C ALA A 539 -10.93 22.61 -25.31
N PHE A 540 -12.20 22.37 -24.95
CA PHE A 540 -12.65 22.76 -23.62
C PHE A 540 -11.96 21.95 -22.53
N LEU A 541 -11.69 20.67 -22.79
CA LEU A 541 -10.96 19.86 -21.82
C LEU A 541 -9.53 20.35 -21.65
N LEU A 542 -8.87 20.70 -22.75
CA LEU A 542 -7.54 21.29 -22.65
C LEU A 542 -7.57 22.59 -21.87
N PHE A 543 -8.61 23.40 -22.11
CA PHE A 543 -8.73 24.68 -21.40
C PHE A 543 -8.90 24.48 -19.90
N VAL A 544 -9.77 23.53 -19.51
CA VAL A 544 -10.00 23.32 -18.09
C VAL A 544 -8.77 22.68 -17.43
N VAL A 545 -8.04 21.85 -18.17
CA VAL A 545 -6.80 21.30 -17.64
C VAL A 545 -5.77 22.42 -17.42
N VAL A 546 -5.69 23.36 -18.37
CA VAL A 546 -4.75 24.46 -18.24
C VAL A 546 -5.11 25.33 -17.05
N VAL A 547 -6.39 25.65 -16.89
CA VAL A 547 -6.80 26.51 -15.77
C VAL A 547 -6.75 25.77 -14.45
N SER A 548 -6.75 24.43 -14.47
CA SER A 548 -6.60 23.68 -13.22
C SER A 548 -5.14 23.58 -12.81
N ILE A 549 -4.23 23.46 -13.78
CA ILE A 549 -2.81 23.35 -13.49
C ILE A 549 -2.20 24.70 -13.15
N ILE A 550 -2.43 25.71 -13.98
CA ILE A 550 -1.82 27.02 -13.77
C ILE A 550 -2.52 27.75 -12.62
N ASN A 551 -3.84 27.92 -12.72
CA ASN A 551 -4.61 28.65 -11.72
C ASN A 551 -5.04 27.72 -10.59
N PHE A 552 -4.05 27.24 -9.85
CA PHE A 552 -4.31 26.34 -8.73
C PHE A 552 -4.50 27.13 -7.44
N LYS A 553 -5.40 26.62 -6.58
CA LYS A 553 -5.70 27.24 -5.31
C LYS A 553 -5.48 26.25 -4.17
N PRO A 554 -4.94 26.69 -3.03
CA PRO A 554 -4.71 25.77 -1.92
C PRO A 554 -6.02 25.29 -1.32
N LEU A 555 -6.02 24.03 -0.88
CA LEU A 555 -7.23 23.43 -0.32
C LEU A 555 -7.43 23.90 1.12
N THR A 556 -8.67 24.25 1.46
CA THR A 556 -9.04 24.66 2.81
C THR A 556 -10.41 24.06 3.12
N TYR A 557 -10.55 23.45 4.30
CA TYR A 557 -11.85 22.92 4.72
C TYR A 557 -12.60 24.03 5.44
N ASP A 558 -12.67 25.19 4.80
CA ASP A 558 -13.52 26.33 5.17
C ASP A 558 -12.98 26.97 6.45
N ASP A 559 -12.05 26.35 7.18
CA ASP A 559 -11.42 26.99 8.33
C ASP A 559 -9.94 26.71 8.43
N TYR A 560 -9.46 25.61 7.85
CA TYR A 560 -8.10 25.12 8.08
C TYR A 560 -7.37 25.06 6.75
N ILE A 561 -6.30 25.86 6.63
CA ILE A 561 -5.48 25.86 5.43
C ILE A 561 -4.60 24.62 5.43
N PHE A 562 -4.74 23.78 4.40
CA PHE A 562 -3.93 22.58 4.31
C PHE A 562 -2.46 22.97 4.10
N PRO A 563 -1.53 22.28 4.75
CA PRO A 563 -0.11 22.61 4.59
C PRO A 563 0.37 22.33 3.17
N PRO A 564 1.48 22.94 2.75
CA PRO A 564 1.98 22.72 1.38
C PRO A 564 2.24 21.26 1.06
N TRP A 565 2.74 20.49 2.04
CA TRP A 565 3.02 19.08 1.78
C TRP A 565 1.75 18.30 1.48
N ALA A 566 0.61 18.71 2.04
CA ALA A 566 -0.65 18.07 1.70
C ALA A 566 -1.00 18.31 0.24
N ASN A 567 -0.82 19.54 -0.24
CA ASN A 567 -1.06 19.82 -1.65
C ASN A 567 -0.09 19.06 -2.54
N TRP A 568 1.16 18.93 -2.11
CA TRP A 568 2.13 18.15 -2.89
C TRP A 568 1.73 16.68 -2.96
N VAL A 569 1.24 16.13 -1.85
CA VAL A 569 0.78 14.74 -1.84
C VAL A 569 -0.44 14.58 -2.74
N GLY A 570 -1.35 15.55 -2.73
CA GLY A 570 -2.50 15.49 -3.62
C GLY A 570 -2.10 15.54 -5.09
N TRP A 571 -1.18 16.44 -5.43
CA TRP A 571 -0.68 16.51 -6.80
C TRP A 571 0.06 15.23 -7.19
N GLY A 572 0.77 14.61 -6.25
CA GLY A 572 1.42 13.34 -6.55
C GLY A 572 0.42 12.22 -6.78
N ILE A 573 -0.66 12.20 -6.01
CA ILE A 573 -1.72 11.20 -6.21
C ILE A 573 -2.36 11.41 -7.57
N ALA A 574 -2.58 12.66 -7.96
CA ALA A 574 -3.14 12.95 -9.28
C ALA A 574 -2.18 12.51 -10.39
N LEU A 575 -0.90 12.83 -10.23
CA LEU A 575 0.08 12.43 -11.24
C LEU A 575 0.23 10.92 -11.33
N SER A 576 -0.03 10.21 -10.23
CA SER A 576 0.03 8.74 -10.26
C SER A 576 -0.89 8.18 -11.33
N SER A 577 -2.04 8.82 -11.54
CA SER A 577 -2.96 8.39 -12.60
C SER A 577 -2.67 9.10 -13.91
N MET A 578 -2.17 10.35 -13.84
CA MET A 578 -1.95 11.11 -15.07
C MET A 578 -0.80 10.54 -15.90
N VAL A 579 0.30 10.16 -15.25
CA VAL A 579 1.49 9.74 -15.99
C VAL A 579 1.37 8.30 -16.46
N LEU A 580 0.22 7.66 -16.22
CA LEU A 580 0.04 6.29 -16.69
C LEU A 580 0.00 6.21 -18.21
N VAL A 581 -0.30 7.32 -18.88
CA VAL A 581 -0.36 7.34 -20.34
C VAL A 581 1.04 7.31 -20.94
N PRO A 582 1.96 8.23 -20.57
CA PRO A 582 3.30 8.15 -21.18
C PRO A 582 4.07 6.91 -20.79
N ILE A 583 3.84 6.43 -19.56
CA ILE A 583 4.48 5.17 -19.09
C ILE A 583 4.05 4.05 -20.04
N TYR A 584 2.76 3.99 -20.37
CA TYR A 584 2.25 2.90 -21.24
C TYR A 584 2.80 3.08 -22.66
N VAL A 585 2.77 4.30 -23.19
CA VAL A 585 3.26 4.55 -24.57
C VAL A 585 4.73 4.14 -24.62
N ILE A 586 5.50 4.44 -23.57
CA ILE A 586 6.93 4.01 -23.49
C ILE A 586 6.98 2.48 -23.52
N TYR A 587 6.19 1.82 -22.67
CA TYR A 587 6.18 0.34 -22.61
C TYR A 587 5.75 -0.24 -23.95
N LYS A 588 4.67 0.29 -24.53
CA LYS A 588 4.15 -0.26 -25.81
C LYS A 588 5.19 -0.07 -26.91
N PHE A 589 6.09 0.90 -26.76
CA PHE A 589 7.11 1.19 -27.76
C PHE A 589 8.31 0.26 -27.59
N LEU A 590 8.69 -0.02 -26.34
CA LEU A 590 9.83 -0.89 -26.09
C LEU A 590 9.48 -2.35 -26.32
N SER A 591 8.27 -2.76 -25.92
CA SER A 591 7.88 -4.16 -26.09
C SER A 591 7.71 -4.52 -27.56
N THR A 592 7.22 -3.58 -28.36
CA THR A 592 7.04 -3.83 -29.78
C THR A 592 8.39 -4.01 -30.47
N GLN A 593 8.49 -5.05 -31.30
CA GLN A 593 9.70 -5.34 -32.04
C GLN A 593 9.59 -4.79 -33.46
N GLY A 594 10.64 -4.13 -33.92
CA GLY A 594 10.71 -3.56 -35.24
C GLY A 594 11.28 -2.16 -35.19
N SER A 595 11.32 -1.52 -36.35
CA SER A 595 11.83 -0.17 -36.45
C SER A 595 10.80 0.84 -35.94
N LEU A 596 11.17 2.12 -36.01
CA LEU A 596 10.28 3.18 -35.54
C LEU A 596 8.94 3.15 -36.26
N TRP A 597 8.98 2.93 -37.58
CA TRP A 597 7.75 2.85 -38.37
C TRP A 597 6.84 1.73 -37.87
N GLU A 598 7.40 0.53 -37.72
CA GLU A 598 6.60 -0.61 -37.29
C GLU A 598 6.08 -0.42 -35.87
N ARG A 599 6.91 0.13 -34.98
CA ARG A 599 6.47 0.37 -33.60
C ARG A 599 5.32 1.38 -33.57
N LEU A 600 5.45 2.49 -34.29
CA LEU A 600 4.37 3.48 -34.32
C LEU A 600 3.11 2.89 -34.93
N ALA A 601 3.25 2.08 -35.99
CA ALA A 601 2.09 1.49 -36.63
C ALA A 601 1.38 0.54 -35.69
N TYR A 602 2.12 -0.34 -35.01
CA TYR A 602 1.52 -1.25 -34.04
C TYR A 602 0.95 -0.51 -32.83
N GLY A 603 1.45 0.69 -32.53
CA GLY A 603 0.92 1.45 -31.43
C GLY A 603 -0.28 2.32 -31.74
N ILE A 604 -0.50 2.68 -33.00
CA ILE A 604 -1.61 3.53 -33.38
C ILE A 604 -2.69 2.80 -34.16
N THR A 605 -2.43 1.56 -34.64
CA THR A 605 -3.45 0.87 -35.42
C THR A 605 -4.15 -0.19 -34.57
N PRO A 606 -5.39 -0.52 -34.90
CA PRO A 606 -6.10 -1.57 -34.15
C PRO A 606 -5.41 -2.91 -34.26
N GLU A 607 -5.64 -3.77 -33.27
CA GLU A 607 -5.04 -5.09 -33.27
C GLU A 607 -5.50 -5.92 -34.46
N ASN A 608 -6.82 -5.98 -34.70
CA ASN A 608 -7.35 -6.78 -35.80
C ASN A 608 -6.93 -6.24 -37.16
N GLU A 609 -6.44 -5.00 -37.23
CA GLU A 609 -5.94 -4.42 -38.47
C GLU A 609 -4.41 -4.36 -38.49
N HIS A 610 -3.76 -5.10 -37.59
CA HIS A 610 -2.30 -5.12 -37.55
C HIS A 610 -1.70 -5.67 -38.84
N HIS A 611 -2.44 -6.48 -39.59
CA HIS A 611 -1.95 -6.93 -40.89
C HIS A 611 -1.70 -5.77 -41.84
N LEU A 612 -2.46 -4.67 -41.68
CA LEU A 612 -2.21 -3.49 -42.49
C LEU A 612 -0.82 -2.92 -42.25
N VAL A 613 -0.22 -3.22 -41.11
CA VAL A 613 1.15 -2.80 -40.85
C VAL A 613 2.10 -3.49 -41.80
N ALA A 614 1.83 -4.76 -42.12
CA ALA A 614 2.66 -5.50 -43.06
C ALA A 614 2.52 -4.94 -44.47
N GLN A 615 1.30 -4.60 -44.87
CA GLN A 615 1.05 -4.03 -46.20
C GLN A 615 1.41 -2.55 -46.28
N ARG A 616 1.87 -1.95 -45.17
CA ARG A 616 2.21 -0.52 -45.13
C ARG A 616 1.03 0.34 -45.56
N ASP A 617 -0.14 0.03 -44.99
CA ASP A 617 -1.38 0.78 -45.25
C ASP A 617 -1.90 1.29 -43.91
N ILE A 618 -1.43 2.46 -43.50
CA ILE A 618 -1.78 3.07 -42.22
C ILE A 618 -2.57 4.34 -42.50
N ARG A 619 -3.79 4.41 -41.95
CA ARG A 619 -4.62 5.59 -42.16
C ARG A 619 -4.08 6.80 -41.40
N GLN A 620 -3.57 6.59 -40.18
CA GLN A 620 -3.10 7.70 -39.36
C GLN A 620 -1.91 8.41 -39.99
N PHE A 621 -1.20 7.77 -40.91
CA PHE A 621 -0.09 8.40 -41.62
C PHE A 621 -0.54 9.14 -42.87
N GLN A 622 -1.83 9.40 -43.01
CA GLN A 622 -2.39 10.10 -44.16
C GLN A 622 -3.06 11.38 -43.68
N LEU A 623 -2.98 12.43 -44.50
CA LEU A 623 -3.56 13.71 -44.12
C LEU A 623 -5.08 13.66 -44.11
N GLN A 624 -5.68 12.73 -44.89
CA GLN A 624 -7.13 12.65 -44.95
C GLN A 624 -7.72 12.16 -43.63
N HIS A 625 -6.92 11.40 -42.87
CA HIS A 625 -7.41 10.83 -41.58
C HIS A 625 -7.58 11.96 -40.56
N TRP A 626 -6.57 12.82 -40.42
CA TRP A 626 -6.64 13.90 -39.41
C TRP A 626 -7.52 15.05 -39.90
N LEU A 627 -7.88 15.03 -41.19
CA LEU A 627 -8.75 16.09 -41.76
C LEU A 627 -10.13 15.49 -42.08
N ALA A 628 -10.47 14.36 -41.44
CA ALA A 628 -11.76 13.69 -41.72
C ALA A 628 -12.92 14.63 -41.42
N ILE A 629 -12.93 15.22 -40.21
CA ILE A 629 -14.02 16.17 -39.81
C ILE A 629 -15.38 15.62 -40.29
N ARG B 68 15.74 -25.79 -14.20
CA ARG B 68 16.22 -24.71 -13.33
C ARG B 68 17.70 -24.46 -13.55
N GLU B 69 18.19 -23.32 -13.06
CA GLU B 69 19.58 -22.96 -13.21
C GLU B 69 20.43 -23.62 -12.13
N THR B 70 21.75 -23.57 -12.33
CA THR B 70 22.71 -24.13 -11.39
C THR B 70 23.79 -23.11 -11.09
N TRP B 71 24.25 -23.07 -9.85
CA TRP B 71 25.31 -22.15 -9.46
C TRP B 71 26.63 -22.58 -10.06
N GLY B 72 27.49 -21.60 -10.34
CA GLY B 72 28.79 -21.88 -10.91
C GLY B 72 29.73 -22.54 -9.93
N LYS B 73 30.86 -23.01 -10.46
CA LYS B 73 31.85 -23.68 -9.62
C LYS B 73 32.57 -22.71 -8.69
N LYS B 74 32.56 -21.41 -9.00
CA LYS B 74 33.23 -20.44 -8.14
C LYS B 74 32.50 -20.28 -6.81
N ILE B 75 31.17 -20.23 -6.83
CA ILE B 75 30.40 -20.10 -5.61
C ILE B 75 30.14 -21.43 -4.92
N ASP B 76 30.27 -22.54 -5.63
CA ASP B 76 30.05 -23.87 -5.07
C ASP B 76 31.33 -24.49 -4.51
N PHE B 77 32.42 -23.73 -4.47
CA PHE B 77 33.67 -24.24 -3.95
C PHE B 77 33.59 -24.45 -2.43
N LEU B 78 34.49 -25.29 -1.92
CA LEU B 78 34.51 -25.58 -0.49
C LEU B 78 34.94 -24.37 0.31
N LEU B 79 35.82 -23.53 -0.23
CA LEU B 79 36.30 -22.34 0.44
C LEU B 79 35.49 -21.10 0.07
N SER B 80 34.32 -21.28 -0.53
CA SER B 80 33.45 -20.17 -0.90
C SER B 80 32.24 -20.03 0.01
N VAL B 81 31.90 -21.06 0.78
CA VAL B 81 30.74 -20.98 1.67
C VAL B 81 30.95 -19.90 2.72
N VAL B 82 32.20 -19.61 3.09
CA VAL B 82 32.46 -18.54 4.04
C VAL B 82 31.98 -17.20 3.48
N GLY B 83 32.01 -17.04 2.17
CA GLY B 83 31.46 -15.83 1.57
C GLY B 83 29.99 -15.67 1.85
N PHE B 84 29.26 -16.79 1.92
CA PHE B 84 27.85 -16.72 2.29
C PHE B 84 27.68 -16.64 3.80
N ALA B 85 28.74 -16.93 4.56
CA ALA B 85 28.64 -16.88 6.02
C ALA B 85 28.54 -15.45 6.52
N VAL B 86 29.11 -14.50 5.78
CA VAL B 86 29.08 -13.10 6.18
C VAL B 86 27.73 -12.51 5.80
N ASP B 87 27.21 -11.66 6.68
CA ASP B 87 25.90 -11.04 6.48
C ASP B 87 25.87 -9.74 7.26
N LEU B 88 24.92 -8.87 6.89
CA LEU B 88 24.77 -7.59 7.58
C LEU B 88 24.38 -7.78 9.04
N ALA B 89 23.66 -8.86 9.35
CA ALA B 89 23.25 -9.11 10.72
C ALA B 89 24.44 -9.34 11.63
N ASN B 90 25.44 -10.08 11.16
CA ASN B 90 26.62 -10.34 11.98
C ASN B 90 27.52 -9.13 12.09
N VAL B 91 27.40 -8.17 11.18
CA VAL B 91 28.27 -7.00 11.16
C VAL B 91 27.57 -5.81 11.83
N TRP B 92 26.24 -5.78 11.73
CA TRP B 92 25.45 -4.67 12.25
C TRP B 92 24.52 -5.07 13.38
N ARG B 93 23.73 -6.13 13.18
CA ARG B 93 22.69 -6.46 14.16
C ARG B 93 23.27 -7.16 15.39
N PHE B 94 24.20 -8.10 15.17
CA PHE B 94 24.82 -8.82 16.29
C PHE B 94 25.54 -7.88 17.26
N PRO B 95 26.36 -6.89 16.79
CA PRO B 95 26.98 -5.92 17.69
C PRO B 95 26.04 -5.21 18.64
N TYR B 96 24.94 -4.64 18.13
CA TYR B 96 24.05 -3.84 19.02
C TYR B 96 23.19 -4.79 19.86
N LEU B 97 22.79 -5.93 19.30
CA LEU B 97 22.02 -6.93 20.07
C LEU B 97 22.87 -7.38 21.28
N CYS B 98 24.17 -7.62 21.06
CA CYS B 98 25.02 -8.04 22.17
C CYS B 98 25.26 -6.90 23.15
N TYR B 99 25.38 -5.67 22.65
CA TYR B 99 25.58 -4.52 23.53
C TYR B 99 24.32 -4.25 24.34
N LYS B 100 23.15 -4.42 23.73
CA LYS B 100 21.89 -4.23 24.46
C LYS B 100 21.70 -5.30 25.51
N ASN B 101 22.14 -6.52 25.23
CA ASN B 101 22.01 -7.63 26.18
C ASN B 101 23.15 -7.70 27.19
N GLY B 102 24.06 -6.73 27.17
CA GLY B 102 25.09 -6.66 28.18
C GLY B 102 26.46 -7.14 27.72
N GLY B 103 26.49 -8.21 26.95
CA GLY B 103 27.75 -8.78 26.51
C GLY B 103 28.28 -9.83 27.46
N GLY B 104 28.58 -11.02 26.93
CA GLY B 104 28.99 -12.15 27.73
C GLY B 104 27.82 -13.01 28.16
N ALA B 105 26.73 -12.37 28.59
CA ALA B 105 25.48 -13.06 28.88
C ALA B 105 24.69 -13.41 27.63
N PHE B 106 25.14 -12.95 26.46
CA PHE B 106 24.46 -13.20 25.20
C PHE B 106 25.09 -14.31 24.38
N LEU B 107 26.36 -14.63 24.62
CA LEU B 107 27.05 -15.65 23.84
C LEU B 107 26.56 -17.06 24.16
N ILE B 108 26.19 -17.31 25.41
CA ILE B 108 25.72 -18.64 25.81
C ILE B 108 24.38 -18.95 25.15
N PRO B 109 23.36 -18.07 25.22
CA PRO B 109 22.13 -18.37 24.48
C PRO B 109 22.33 -18.43 22.98
N TYR B 110 23.19 -17.56 22.44
CA TYR B 110 23.49 -17.58 21.02
C TYR B 110 24.06 -18.94 20.60
N THR B 111 25.10 -19.39 21.30
CA THR B 111 25.73 -20.67 20.95
C THR B 111 24.76 -21.82 21.17
N LEU B 112 23.96 -21.77 22.23
CA LEU B 112 23.00 -22.83 22.49
C LEU B 112 21.97 -22.94 21.37
N PHE B 113 21.37 -21.81 21.00
CA PHE B 113 20.38 -21.82 19.92
C PHE B 113 21.02 -22.17 18.59
N LEU B 114 22.31 -21.91 18.43
CA LEU B 114 23.00 -22.31 17.21
C LEU B 114 23.20 -23.82 17.16
N ILE B 115 23.58 -24.43 18.27
CA ILE B 115 23.93 -25.84 18.25
C ILE B 115 22.68 -26.73 18.32
N ILE B 116 21.60 -26.26 18.95
CA ILE B 116 20.42 -27.11 19.09
C ILE B 116 19.26 -26.68 18.20
N ALA B 117 19.19 -25.42 17.80
CA ALA B 117 18.07 -24.93 17.00
C ALA B 117 18.52 -24.39 15.65
N GLY B 118 19.56 -23.56 15.65
CA GLY B 118 19.96 -22.90 14.41
C GLY B 118 20.48 -23.88 13.38
N MET B 119 21.49 -24.68 13.75
CA MET B 119 22.08 -25.61 12.79
C MET B 119 21.11 -26.71 12.35
N PRO B 120 20.30 -27.31 13.24
CA PRO B 120 19.32 -28.30 12.75
C PRO B 120 18.33 -27.72 11.74
N LEU B 121 17.77 -26.55 12.01
CA LEU B 121 16.84 -25.93 11.06
C LEU B 121 17.56 -25.54 9.78
N PHE B 122 18.82 -25.12 9.89
CA PHE B 122 19.62 -24.81 8.70
C PHE B 122 19.76 -26.03 7.81
N TYR B 123 20.17 -27.16 8.39
CA TYR B 123 20.31 -28.39 7.63
C TYR B 123 18.97 -28.84 7.05
N MET B 124 17.89 -28.71 7.83
CA MET B 124 16.58 -29.13 7.37
C MET B 124 16.14 -28.31 6.16
N GLU B 125 16.28 -26.98 6.24
CA GLU B 125 15.89 -26.13 5.12
C GLU B 125 16.76 -26.39 3.90
N LEU B 126 18.06 -26.62 4.10
CA LEU B 126 18.93 -26.93 2.98
C LEU B 126 18.49 -28.21 2.28
N ALA B 127 18.23 -29.28 3.05
CA ALA B 127 17.81 -30.54 2.46
C ALA B 127 16.45 -30.41 1.78
N LEU B 128 15.53 -29.66 2.39
CA LEU B 128 14.21 -29.47 1.81
C LEU B 128 14.28 -28.72 0.49
N GLY B 129 15.10 -27.67 0.43
CA GLY B 129 15.26 -26.94 -0.80
C GLY B 129 15.96 -27.73 -1.87
N GLN B 130 16.91 -28.58 -1.48
CA GLN B 130 17.61 -29.41 -2.45
C GLN B 130 16.70 -30.52 -3.00
N TYR B 131 15.79 -31.03 -2.17
CA TYR B 131 14.91 -32.13 -2.60
C TYR B 131 13.74 -31.61 -3.42
N ASN B 132 12.98 -30.66 -2.86
CA ASN B 132 11.75 -30.21 -3.52
C ASN B 132 12.01 -29.47 -4.82
N ARG B 133 13.18 -28.84 -4.97
CA ARG B 133 13.53 -28.08 -6.16
C ARG B 133 12.50 -26.98 -6.43
N GLU B 134 12.05 -26.32 -5.37
CA GLU B 134 11.02 -25.29 -5.46
C GLU B 134 11.46 -24.05 -4.69
N GLY B 135 10.64 -23.01 -4.77
CA GLY B 135 10.91 -21.75 -4.11
C GLY B 135 10.61 -21.81 -2.63
N ALA B 136 10.41 -20.62 -2.05
CA ALA B 136 10.14 -20.53 -0.61
C ALA B 136 8.74 -21.03 -0.27
N ALA B 137 7.79 -20.85 -1.19
CA ALA B 137 6.40 -21.20 -0.90
C ALA B 137 6.05 -22.58 -1.43
N THR B 138 6.36 -22.84 -2.71
CA THR B 138 5.96 -24.10 -3.33
C THR B 138 6.69 -25.29 -2.75
N VAL B 139 7.75 -25.05 -1.97
CA VAL B 139 8.54 -26.11 -1.35
C VAL B 139 7.63 -26.99 -0.51
N TRP B 140 6.49 -26.44 -0.08
CA TRP B 140 5.45 -27.23 0.59
C TRP B 140 4.50 -27.89 -0.40
N LYS B 141 5.04 -28.59 -1.40
CA LYS B 141 4.24 -29.44 -2.24
C LYS B 141 3.94 -30.79 -1.58
N ILE B 142 4.64 -31.11 -0.50
CA ILE B 142 4.36 -32.33 0.25
C ILE B 142 3.24 -32.17 1.26
N CYS B 143 2.87 -30.93 1.59
CA CYS B 143 1.79 -30.68 2.54
C CYS B 143 1.20 -29.30 2.24
N PRO B 144 0.07 -29.26 1.54
CA PRO B 144 -0.52 -27.95 1.17
C PRO B 144 -0.92 -27.11 2.37
N PHE B 145 -1.34 -27.73 3.48
CA PHE B 145 -1.80 -26.98 4.64
C PHE B 145 -0.73 -26.08 5.24
N PHE B 146 0.55 -26.29 4.92
CA PHE B 146 1.62 -25.44 5.41
C PHE B 146 2.14 -24.49 4.35
N LYS B 147 1.61 -24.55 3.12
CA LYS B 147 1.98 -23.59 2.09
C LYS B 147 1.81 -22.15 2.54
N GLY B 148 0.82 -21.87 3.38
CA GLY B 148 0.62 -20.53 3.90
C GLY B 148 1.79 -19.97 4.67
N VAL B 149 2.64 -20.83 5.22
CA VAL B 149 3.82 -20.31 5.91
C VAL B 149 4.85 -19.80 4.90
N GLY B 150 4.91 -20.42 3.71
CA GLY B 150 5.88 -19.99 2.71
C GLY B 150 5.74 -18.53 2.37
N TYR B 151 4.60 -18.13 1.79
CA TYR B 151 4.29 -16.72 1.60
C TYR B 151 4.64 -15.91 2.83
N ALA B 152 4.31 -16.44 4.02
CA ALA B 152 4.61 -15.76 5.26
C ALA B 152 6.08 -15.35 5.31
N VAL B 153 6.99 -16.34 5.24
CA VAL B 153 8.40 -16.00 5.32
C VAL B 153 8.79 -15.10 4.16
N ILE B 154 8.17 -15.30 2.99
CA ILE B 154 8.39 -14.39 1.88
C ILE B 154 8.06 -12.96 2.29
N LEU B 155 6.85 -12.74 2.81
CA LEU B 155 6.51 -11.42 3.33
C LEU B 155 7.51 -11.00 4.40
N ILE B 156 7.92 -11.93 5.27
CA ILE B 156 8.94 -11.62 6.26
C ILE B 156 10.19 -11.10 5.58
N ALA B 157 10.66 -11.80 4.55
CA ALA B 157 11.79 -11.31 3.77
C ALA B 157 11.49 -9.94 3.20
N LEU B 158 10.28 -9.76 2.66
CA LEU B 158 9.89 -8.44 2.17
C LEU B 158 9.98 -7.40 3.28
N TYR B 159 9.54 -7.76 4.49
CA TYR B 159 9.67 -6.85 5.62
C TYR B 159 11.12 -6.43 5.82
N VAL B 160 12.05 -7.39 5.67
CA VAL B 160 13.46 -7.06 5.78
C VAL B 160 13.85 -6.03 4.73
N GLY B 161 13.37 -6.22 3.50
CA GLY B 161 13.65 -5.25 2.46
C GLY B 161 13.17 -3.85 2.78
N PHE B 162 12.22 -3.74 3.72
CA PHE B 162 11.71 -2.43 4.10
C PHE B 162 12.75 -1.63 4.88
N TYR B 163 13.73 -2.32 5.46
CA TYR B 163 14.74 -1.62 6.29
C TYR B 163 16.18 -2.03 5.90
N TYR B 164 16.40 -3.25 5.40
CA TYR B 164 17.79 -3.69 5.09
C TYR B 164 18.36 -2.78 4.00
N ASN B 165 17.52 -2.41 3.02
CA ASN B 165 17.98 -1.54 1.91
C ASN B 165 18.21 -0.13 2.44
N VAL B 166 17.51 0.26 3.50
CA VAL B 166 17.72 1.56 4.12
C VAL B 166 19.08 1.67 4.79
N ILE B 167 19.63 0.55 5.29
CA ILE B 167 20.91 0.62 5.98
C ILE B 167 22.05 0.79 4.98
N ILE B 168 22.05 0.03 3.89
CA ILE B 168 23.10 0.12 2.89
C ILE B 168 23.24 1.55 2.38
N ALA B 169 22.11 2.18 2.01
CA ALA B 169 22.15 3.56 1.57
C ALA B 169 22.83 4.46 2.59
N TRP B 170 22.57 4.23 3.87
CA TRP B 170 23.28 4.96 4.92
C TRP B 170 24.78 4.87 4.74
N SER B 171 25.31 3.64 4.63
CA SER B 171 26.73 3.48 4.37
C SER B 171 27.14 4.20 3.09
N LEU B 172 26.28 4.15 2.07
CA LEU B 172 26.56 4.89 0.83
C LEU B 172 26.77 6.37 1.12
N TYR B 173 25.91 6.95 1.95
CA TYR B 173 26.12 8.34 2.36
C TYR B 173 27.46 8.50 3.06
N TYR B 174 27.80 7.55 3.95
CA TYR B 174 29.11 7.56 4.57
C TYR B 174 30.22 7.48 3.52
N LEU B 175 30.00 6.74 2.44
CA LEU B 175 30.96 6.73 1.34
C LEU B 175 31.13 8.13 0.78
N PHE B 176 30.02 8.86 0.61
CA PHE B 176 30.12 10.25 0.14
C PHE B 176 30.84 11.11 1.17
N SER B 177 30.79 10.72 2.44
CA SER B 177 31.53 11.42 3.49
C SER B 177 32.94 10.88 3.67
N SER B 178 33.34 9.88 2.88
CA SER B 178 34.66 9.26 3.03
C SER B 178 35.73 9.90 2.16
N PHE B 179 35.34 10.62 1.10
CA PHE B 179 36.33 11.24 0.22
C PHE B 179 36.66 12.65 0.68
N THR B 180 37.04 12.78 1.96
CA THR B 180 37.39 14.07 2.54
C THR B 180 38.64 13.91 3.39
N LEU B 181 39.52 14.92 3.36
CA LEU B 181 40.72 14.91 4.18
C LEU B 181 40.37 14.88 5.66
N ASN B 182 39.45 15.75 6.07
CA ASN B 182 38.98 15.80 7.45
C ASN B 182 37.62 15.10 7.52
N LEU B 183 37.57 13.98 8.23
CA LEU B 183 36.33 13.22 8.31
C LEU B 183 35.28 14.00 9.09
N PRO B 184 34.01 13.94 8.69
CA PRO B 184 32.97 14.70 9.39
C PRO B 184 32.63 14.17 10.77
N TRP B 185 33.07 12.95 11.11
CA TRP B 185 32.81 12.36 12.42
C TRP B 185 34.02 12.43 13.34
N THR B 186 34.92 13.37 13.10
CA THR B 186 36.14 13.51 13.90
C THR B 186 36.03 14.58 14.97
N ASP B 187 35.48 15.75 14.64
CA ASP B 187 35.38 16.86 15.58
C ASP B 187 34.08 17.61 15.32
N CYS B 188 33.79 18.58 16.19
CA CYS B 188 32.60 19.40 16.08
C CYS B 188 32.88 20.59 15.17
N GLY B 189 31.95 21.55 15.14
CA GLY B 189 32.12 22.76 14.37
C GLY B 189 31.40 22.80 13.04
N HIS B 190 30.77 21.71 12.63
CA HIS B 190 30.07 21.67 11.36
C HIS B 190 28.66 22.23 11.52
N THR B 191 27.88 22.14 10.43
CA THR B 191 26.52 22.69 10.46
C THR B 191 25.59 21.82 11.29
N TRP B 192 25.65 20.49 11.08
CA TRP B 192 24.76 19.60 11.80
C TRP B 192 25.13 19.50 13.27
N ASN B 193 26.39 19.77 13.60
CA ASN B 193 26.84 19.72 14.99
C ASN B 193 26.14 20.78 15.83
N SER B 194 25.34 20.32 16.80
CA SER B 194 24.65 21.20 17.71
C SER B 194 25.63 21.78 18.72
N PRO B 195 25.23 22.85 19.42
CA PRO B 195 26.10 23.38 20.49
C PRO B 195 26.47 22.35 21.54
N ASN B 196 25.65 21.29 21.68
CA ASN B 196 25.91 20.26 22.72
C ASN B 196 27.01 19.28 22.29
N CYS B 197 27.48 19.37 21.04
CA CYS B 197 28.54 18.46 20.53
C CYS B 197 29.77 18.56 21.43
N THR B 198 30.33 17.42 21.86
CA THR B 198 31.54 17.42 22.70
C THR B 198 32.64 16.66 22.01
N ASP B 199 33.84 17.25 21.93
CA ASP B 199 35.00 16.57 21.30
C ASP B 199 36.02 16.24 22.39
N PRO B 200 36.43 14.96 22.58
CA PRO B 200 37.35 14.61 23.65
C PRO B 200 38.65 15.36 23.46
N LYS B 201 39.11 15.47 22.21
CA LYS B 201 40.37 16.19 21.90
C LYS B 201 40.22 17.65 22.33
N LEU B 202 39.01 18.22 22.15
CA LEU B 202 38.77 19.63 22.53
C LEU B 202 38.40 19.72 24.01
N THR B 212 29.19 14.53 29.83
CA THR B 212 28.04 15.45 29.95
C THR B 212 26.84 14.69 30.47
N LYS B 213 26.62 13.47 29.97
CA LYS B 213 25.41 12.71 30.36
C LYS B 213 25.80 11.27 30.72
N TYR B 214 25.05 10.66 31.64
CA TYR B 214 25.32 9.25 32.05
C TYR B 214 24.13 8.39 31.66
N SER B 215 23.25 8.92 30.79
CA SER B 215 22.10 8.11 30.30
C SER B 215 22.52 7.41 29.01
N LYS B 216 22.87 8.18 27.98
CA LYS B 216 23.34 7.61 26.73
C LYS B 216 24.53 8.33 26.14
N TYR B 217 24.76 9.59 26.50
CA TYR B 217 25.89 10.38 26.02
C TYR B 217 25.97 10.38 24.50
N LYS B 218 24.94 10.97 23.89
CA LYS B 218 24.86 11.09 22.43
C LYS B 218 25.47 12.38 21.93
N PHE B 219 26.43 12.96 22.66
CA PHE B 219 27.06 14.22 22.29
C PHE B 219 28.45 14.03 21.68
N THR B 220 28.65 12.90 20.97
CA THR B 220 29.91 12.65 20.28
C THR B 220 29.81 13.02 18.81
N PRO B 221 30.92 13.40 18.19
CA PRO B 221 30.89 13.76 16.76
C PRO B 221 30.32 12.65 15.88
N ALA B 222 30.67 11.39 16.14
CA ALA B 222 30.15 10.29 15.35
C ALA B 222 28.65 10.11 15.55
N ALA B 223 28.13 10.43 16.74
CA ALA B 223 26.70 10.31 16.98
C ALA B 223 25.96 11.53 16.43
N GLU B 224 26.55 12.72 16.54
CA GLU B 224 25.93 13.91 15.99
C GLU B 224 25.85 13.85 14.46
N PHE B 225 26.89 13.29 13.84
CA PHE B 225 26.87 13.15 12.39
C PHE B 225 25.83 12.12 11.95
N TYR B 226 25.62 11.08 12.75
CA TYR B 226 24.69 10.03 12.36
C TYR B 226 23.23 10.47 12.60
N GLU B 227 22.96 11.12 13.72
CA GLU B 227 21.60 11.47 14.09
C GLU B 227 21.14 12.79 13.47
N ARG B 228 22.06 13.72 13.26
CA ARG B 228 21.71 15.03 12.72
C ARG B 228 22.18 15.25 11.29
N GLY B 229 23.31 14.66 10.91
CA GLY B 229 23.88 14.89 9.60
C GLY B 229 23.51 13.83 8.59
N VAL B 230 22.91 12.73 9.05
CA VAL B 230 22.52 11.64 8.15
C VAL B 230 21.01 11.44 8.25
N LEU B 231 20.52 11.12 9.46
CA LEU B 231 19.11 10.84 9.64
C LEU B 231 18.31 12.11 9.94
N HIS B 232 18.97 13.16 10.42
CA HIS B 232 18.30 14.41 10.81
C HIS B 232 17.21 14.16 11.85
N LEU B 233 17.57 13.40 12.89
CA LEU B 233 16.61 13.08 13.94
C LEU B 233 16.20 14.29 14.76
N HIS B 234 17.01 15.35 14.76
CA HIS B 234 16.67 16.55 15.52
C HIS B 234 15.46 17.28 14.96
N GLU B 235 15.06 16.96 13.72
CA GLU B 235 13.89 17.56 13.09
C GLU B 235 12.64 16.69 13.23
N SER B 236 12.58 15.87 14.28
CA SER B 236 11.44 15.00 14.52
C SER B 236 11.37 14.68 16.00
N SER B 237 10.17 14.75 16.57
CA SER B 237 9.98 14.48 17.99
C SER B 237 9.66 13.03 18.28
N GLY B 238 9.11 12.31 17.32
CA GLY B 238 8.76 10.92 17.55
C GLY B 238 8.28 10.26 16.27
N ILE B 239 7.73 9.05 16.44
CA ILE B 239 7.23 8.31 15.29
C ILE B 239 5.97 8.94 14.72
N HIS B 240 5.25 9.74 15.51
CA HIS B 240 4.04 10.38 15.00
C HIS B 240 4.36 11.44 13.95
N ASP B 241 5.51 12.09 14.08
CA ASP B 241 5.97 13.11 13.14
C ASP B 241 7.27 12.63 12.51
N ILE B 242 7.17 11.86 11.43
CA ILE B 242 8.36 11.34 10.77
C ILE B 242 9.01 12.43 9.91
N GLY B 243 8.19 13.25 9.26
CA GLY B 243 8.71 14.33 8.44
C GLY B 243 8.71 14.03 6.96
N LEU B 244 9.74 14.50 6.26
CA LEU B 244 9.87 14.28 4.82
C LEU B 244 11.19 13.57 4.53
N PRO B 245 11.23 12.69 3.53
CA PRO B 245 12.48 11.98 3.22
C PRO B 245 13.60 12.93 2.80
N GLN B 246 14.77 12.78 3.41
CA GLN B 246 15.93 13.58 3.04
C GLN B 246 16.35 13.28 1.61
N TRP B 247 16.66 14.32 0.86
CA TRP B 247 17.02 14.15 -0.55
C TRP B 247 18.32 13.37 -0.69
N GLN B 248 19.25 13.53 0.26
CA GLN B 248 20.48 12.75 0.22
C GLN B 248 20.19 11.26 0.37
N LEU B 249 19.45 10.90 1.43
CA LEU B 249 19.05 9.52 1.61
C LEU B 249 18.14 9.04 0.48
N LEU B 250 17.35 9.96 -0.09
CA LEU B 250 16.51 9.60 -1.23
C LEU B 250 17.38 9.14 -2.41
N LEU B 251 18.38 9.95 -2.78
CA LEU B 251 19.26 9.57 -3.89
C LEU B 251 20.06 8.32 -3.55
N CYS B 252 20.48 8.17 -2.30
CA CYS B 252 21.21 6.97 -1.90
C CYS B 252 20.36 5.72 -2.08
N LEU B 253 19.11 5.76 -1.59
CA LEU B 253 18.22 4.62 -1.74
C LEU B 253 17.88 4.36 -3.20
N MET B 254 17.78 5.42 -4.00
CA MET B 254 17.54 5.26 -5.43
C MET B 254 18.70 4.51 -6.09
N VAL B 255 19.93 4.92 -5.78
CA VAL B 255 21.10 4.23 -6.33
C VAL B 255 21.12 2.77 -5.86
N VAL B 256 20.78 2.55 -4.58
CA VAL B 256 20.80 1.18 -4.04
C VAL B 256 19.79 0.30 -4.78
N VAL B 257 18.57 0.78 -4.97
CA VAL B 257 17.56 -0.03 -5.63
C VAL B 257 17.87 -0.18 -7.12
N ILE B 258 18.53 0.80 -7.73
CA ILE B 258 18.92 0.67 -9.12
C ILE B 258 19.98 -0.43 -9.27
N VAL B 259 20.96 -0.45 -8.37
CA VAL B 259 21.97 -1.51 -8.40
C VAL B 259 21.32 -2.86 -8.14
N LEU B 260 20.37 -2.91 -7.19
CA LEU B 260 19.69 -4.16 -6.88
C LEU B 260 18.90 -4.68 -8.08
N TYR B 261 18.27 -3.78 -8.84
CA TYR B 261 17.52 -4.18 -10.01
C TYR B 261 18.45 -4.64 -11.13
N PHE B 262 19.49 -3.86 -11.41
CA PHE B 262 20.44 -4.19 -12.47
C PHE B 262 21.35 -5.35 -12.12
N SER B 263 21.29 -5.85 -10.88
CA SER B 263 22.08 -7.02 -10.48
C SER B 263 21.24 -8.28 -10.33
N LEU B 264 19.93 -8.21 -10.57
CA LEU B 264 19.06 -9.37 -10.46
C LEU B 264 18.06 -9.52 -11.60
N TRP B 265 18.05 -8.61 -12.57
CA TRP B 265 17.06 -8.68 -13.64
C TRP B 265 17.30 -9.85 -14.59
N LYS B 266 18.48 -10.46 -14.55
CA LYS B 266 18.80 -11.60 -15.41
C LYS B 266 18.85 -12.91 -14.62
N GLY B 267 18.04 -13.03 -13.57
CA GLY B 267 18.01 -14.25 -12.79
C GLY B 267 19.21 -14.39 -11.88
N VAL B 268 19.46 -15.64 -11.47
CA VAL B 268 20.59 -15.93 -10.60
C VAL B 268 21.90 -15.74 -11.35
N LYS B 269 22.96 -15.43 -10.62
CA LYS B 269 24.30 -15.24 -11.17
C LYS B 269 25.18 -16.39 -10.68
N THR B 270 25.67 -17.19 -11.64
CA THR B 270 26.53 -18.32 -11.32
C THR B 270 27.81 -17.85 -10.64
N SER B 271 28.41 -16.77 -11.15
CA SER B 271 29.62 -16.23 -10.57
C SER B 271 29.59 -14.70 -10.69
N GLY B 272 29.99 -14.04 -9.60
CA GLY B 272 29.99 -12.60 -9.57
C GLY B 272 31.12 -12.01 -8.74
N LYS B 273 31.55 -10.81 -9.08
CA LYS B 273 32.61 -10.16 -8.32
C LYS B 273 32.12 -9.75 -6.93
N VAL B 274 30.82 -9.48 -6.80
CA VAL B 274 30.27 -9.05 -5.53
C VAL B 274 30.36 -10.17 -4.49
N VAL B 275 30.00 -11.39 -4.87
CA VAL B 275 30.09 -12.51 -3.94
C VAL B 275 31.54 -12.92 -3.72
N TRP B 276 32.43 -12.52 -4.64
CA TRP B 276 33.84 -12.86 -4.48
C TRP B 276 34.53 -11.92 -3.49
N ILE B 277 34.18 -10.64 -3.52
CA ILE B 277 34.84 -9.68 -2.63
C ILE B 277 34.31 -9.79 -1.20
N THR B 278 33.09 -10.31 -1.02
CA THR B 278 32.53 -10.46 0.32
C THR B 278 33.12 -11.63 1.08
N ALA B 279 34.06 -12.38 0.50
CA ALA B 279 34.68 -13.52 1.16
C ALA B 279 36.04 -13.21 1.75
N THR B 280 36.65 -12.08 1.39
CA THR B 280 37.97 -11.72 1.90
C THR B 280 38.00 -10.35 2.56
N LEU B 281 37.21 -9.39 2.06
CA LEU B 281 37.19 -8.05 2.66
C LEU B 281 36.61 -8.02 4.07
N PRO B 282 35.47 -8.66 4.38
CA PRO B 282 34.98 -8.60 5.77
C PRO B 282 35.94 -9.18 6.80
N TYR B 283 36.54 -10.33 6.49
CA TYR B 283 37.48 -10.94 7.43
C TYR B 283 38.70 -10.06 7.63
N PHE B 284 39.22 -9.48 6.56
CA PHE B 284 40.37 -8.57 6.68
C PHE B 284 40.02 -7.35 7.51
N VAL B 285 38.83 -6.77 7.29
CA VAL B 285 38.41 -5.60 8.05
C VAL B 285 38.28 -5.95 9.53
N LEU B 286 37.69 -7.11 9.82
CA LEU B 286 37.53 -7.52 11.22
C LEU B 286 38.88 -7.77 11.87
N PHE B 287 39.83 -8.36 11.13
CA PHE B 287 41.16 -8.59 11.68
C PHE B 287 41.86 -7.27 11.97
N VAL B 288 41.75 -6.30 11.06
CA VAL B 288 42.35 -4.99 11.28
C VAL B 288 41.73 -4.32 12.49
N LEU B 289 40.40 -4.42 12.62
CA LEU B 289 39.72 -3.83 13.77
C LEU B 289 40.15 -4.47 15.07
N LEU B 290 40.35 -5.80 15.07
CA LEU B 290 40.81 -6.48 16.27
C LEU B 290 42.23 -6.04 16.63
N VAL B 291 43.12 -5.98 15.64
CA VAL B 291 44.50 -5.56 15.90
C VAL B 291 44.55 -4.14 16.41
N HIS B 292 43.63 -3.29 15.93
CA HIS B 292 43.59 -1.91 16.41
C HIS B 292 43.01 -1.84 17.82
N GLY B 293 42.00 -2.66 18.11
CA GLY B 293 41.35 -2.59 19.41
C GLY B 293 42.21 -3.13 20.53
N VAL B 294 42.96 -4.20 20.25
CA VAL B 294 43.81 -4.79 21.28
C VAL B 294 44.94 -3.85 21.69
N THR B 295 45.20 -2.81 20.90
CA THR B 295 46.24 -1.83 21.23
C THR B 295 45.68 -0.51 21.72
N LEU B 296 44.38 -0.28 21.60
CA LEU B 296 43.81 0.99 22.03
C LEU B 296 43.82 1.07 23.56
N PRO B 297 44.19 2.23 24.12
CA PRO B 297 44.17 2.37 25.59
C PRO B 297 42.74 2.38 26.11
N GLY B 298 42.52 1.64 27.20
CA GLY B 298 41.21 1.57 27.82
C GLY B 298 40.32 0.46 27.28
N ALA B 299 40.76 -0.27 26.27
CA ALA B 299 39.93 -1.35 25.72
C ALA B 299 39.91 -2.55 26.65
N SER B 300 40.81 -2.59 27.65
CA SER B 300 40.83 -3.72 28.58
C SER B 300 39.53 -3.82 29.35
N ASN B 301 38.93 -2.68 29.71
CA ASN B 301 37.65 -2.71 30.40
C ASN B 301 36.56 -3.33 29.53
N GLY B 302 36.51 -2.96 28.25
CA GLY B 302 35.54 -3.57 27.36
C GLY B 302 35.79 -5.05 27.15
N ILE B 303 37.06 -5.45 27.07
CA ILE B 303 37.39 -6.86 26.93
C ILE B 303 36.92 -7.65 28.15
N ASN B 304 37.16 -7.10 29.34
CA ASN B 304 36.71 -7.77 30.57
C ASN B 304 35.19 -7.83 30.64
N ALA B 305 34.52 -6.77 30.21
CA ALA B 305 33.06 -6.77 30.22
C ALA B 305 32.50 -7.76 29.22
N TYR B 306 33.19 -7.96 28.10
CA TYR B 306 32.73 -8.92 27.10
C TYR B 306 32.89 -10.36 27.59
N LEU B 307 33.88 -10.60 28.45
CA LEU B 307 34.15 -11.93 28.99
C LEU B 307 33.46 -12.16 30.33
N HIS B 308 32.48 -11.34 30.69
CA HIS B 308 31.75 -11.47 31.95
C HIS B 308 30.33 -11.92 31.66
N ILE B 309 29.91 -13.00 32.29
CA ILE B 309 28.59 -13.60 32.08
C ILE B 309 27.66 -13.14 33.19
N ASP B 310 26.57 -12.47 32.81
CA ASP B 310 25.56 -12.01 33.76
C ASP B 310 24.40 -13.00 33.76
N PHE B 311 24.35 -13.85 34.78
CA PHE B 311 23.31 -14.89 34.84
C PHE B 311 21.93 -14.32 35.07
N TYR B 312 21.82 -13.14 35.70
CA TYR B 312 20.50 -12.54 35.91
C TYR B 312 19.88 -12.14 34.59
N ARG B 313 20.71 -11.87 33.58
CA ARG B 313 20.18 -11.61 32.24
C ARG B 313 19.76 -12.89 31.55
N LEU B 314 20.48 -13.99 31.79
CA LEU B 314 20.04 -15.29 31.30
C LEU B 314 18.70 -15.69 31.91
N LYS B 315 18.46 -15.29 33.16
CA LYS B 315 17.15 -15.54 33.77
C LYS B 315 16.04 -14.82 33.02
N GLU B 316 16.35 -13.66 32.45
CA GLU B 316 15.38 -12.93 31.65
C GLU B 316 15.12 -13.66 30.33
N ALA B 317 14.00 -13.31 29.69
CA ALA B 317 13.60 -13.95 28.45
C ALA B 317 13.97 -13.16 27.21
N THR B 318 14.29 -11.87 27.34
CA THR B 318 14.61 -11.06 26.17
C THR B 318 15.91 -11.51 25.51
N VAL B 319 16.87 -11.97 26.32
CA VAL B 319 18.16 -12.39 25.79
C VAL B 319 17.98 -13.59 24.85
N TRP B 320 17.14 -14.54 25.25
CA TRP B 320 16.92 -15.72 24.42
C TRP B 320 16.23 -15.36 23.11
N ILE B 321 15.25 -14.45 23.17
CA ILE B 321 14.56 -14.02 21.96
C ILE B 321 15.53 -13.32 21.02
N ASP B 322 16.38 -12.45 21.57
CA ASP B 322 17.36 -11.76 20.75
C ASP B 322 18.34 -12.74 20.13
N ALA B 323 18.78 -13.75 20.89
CA ALA B 323 19.70 -14.74 20.36
C ALA B 323 19.05 -15.55 19.24
N ALA B 324 17.79 -15.95 19.43
CA ALA B 324 17.10 -16.71 18.39
C ALA B 324 16.93 -15.88 17.12
N THR B 325 16.53 -14.61 17.26
CA THR B 325 16.35 -13.76 16.10
C THR B 325 17.68 -13.52 15.38
N GLN B 326 18.77 -13.33 16.14
CA GLN B 326 20.07 -13.12 15.52
C GLN B 326 20.55 -14.37 14.81
N ILE B 327 20.30 -15.55 15.39
CA ILE B 327 20.66 -16.80 14.73
C ILE B 327 19.89 -16.95 13.43
N PHE B 328 18.59 -16.66 13.44
CA PHE B 328 17.80 -16.79 12.22
C PHE B 328 18.20 -15.77 11.17
N PHE B 329 18.63 -14.57 11.60
CA PHE B 329 19.08 -13.57 10.65
C PHE B 329 20.42 -13.96 10.04
N SER B 330 21.34 -14.48 10.85
CA SER B 330 22.67 -14.82 10.35
C SER B 330 22.63 -16.05 9.45
N LEU B 331 21.87 -17.07 9.85
CA LEU B 331 21.79 -18.29 9.06
C LEU B 331 20.80 -18.19 7.91
N GLY B 332 19.81 -17.31 8.01
CA GLY B 332 18.82 -17.16 6.96
C GLY B 332 17.56 -17.98 7.12
N ALA B 333 17.47 -18.80 8.16
CA ALA B 333 16.28 -19.60 8.38
C ALA B 333 15.09 -18.70 8.73
N GLY B 334 13.99 -18.86 8.02
CA GLY B 334 12.81 -18.05 8.22
C GLY B 334 12.59 -16.96 7.20
N PHE B 335 13.39 -16.91 6.13
CA PHE B 335 13.23 -15.92 5.08
C PHE B 335 13.05 -16.51 3.70
N GLY B 336 13.32 -17.80 3.52
CA GLY B 336 13.25 -18.42 2.21
C GLY B 336 14.52 -18.37 1.41
N VAL B 337 15.59 -17.78 1.95
CA VAL B 337 16.84 -17.67 1.20
C VAL B 337 17.50 -19.03 1.07
N LEU B 338 17.47 -19.84 2.14
CA LEU B 338 18.13 -21.13 2.12
C LEU B 338 17.46 -22.09 1.14
N ILE B 339 16.13 -22.13 1.14
CA ILE B 339 15.41 -23.04 0.24
C ILE B 339 15.64 -22.62 -1.21
N ALA B 340 15.57 -21.32 -1.49
CA ALA B 340 15.80 -20.84 -2.84
C ALA B 340 17.22 -21.12 -3.30
N PHE B 341 18.20 -20.98 -2.39
CA PHE B 341 19.58 -21.27 -2.74
C PHE B 341 19.77 -22.76 -3.03
N ALA B 342 19.19 -23.62 -2.19
CA ALA B 342 19.33 -25.06 -2.40
C ALA B 342 18.55 -25.56 -3.61
N SER B 343 17.53 -24.81 -4.04
CA SER B 343 16.77 -25.23 -5.22
C SER B 343 17.61 -25.21 -6.48
N TYR B 344 18.66 -24.40 -6.55
CA TYR B 344 19.54 -24.33 -7.70
C TYR B 344 20.83 -25.11 -7.52
N ASN B 345 21.02 -25.75 -6.36
CA ASN B 345 22.22 -26.55 -6.12
C ASN B 345 22.12 -27.89 -6.84
N LYS B 346 23.15 -28.71 -6.66
CA LYS B 346 23.18 -30.02 -7.28
C LYS B 346 22.42 -31.04 -6.43
N PHE B 347 22.25 -32.24 -6.98
CA PHE B 347 21.53 -33.31 -6.31
C PHE B 347 22.45 -34.17 -5.43
N ASP B 348 23.71 -33.77 -5.26
CA ASP B 348 24.64 -34.49 -4.41
C ASP B 348 25.39 -33.59 -3.44
N ASN B 349 25.00 -32.33 -3.31
CA ASN B 349 25.68 -31.41 -2.40
C ASN B 349 25.49 -31.86 -0.96
N ASN B 350 26.61 -31.97 -0.23
CA ASN B 350 26.60 -32.40 1.16
C ASN B 350 26.28 -31.19 2.05
N CYS B 351 24.99 -31.03 2.33
CA CYS B 351 24.55 -29.90 3.15
C CYS B 351 24.96 -30.06 4.61
N TYR B 352 25.35 -31.26 5.02
CA TYR B 352 25.80 -31.46 6.40
C TYR B 352 27.12 -30.73 6.66
N ARG B 353 28.12 -30.96 5.81
CA ARG B 353 29.39 -30.25 5.93
C ARG B 353 29.20 -28.75 5.74
N ASP B 354 28.34 -28.37 4.79
CA ASP B 354 28.08 -26.95 4.57
C ASP B 354 27.48 -26.30 5.81
N ALA B 355 26.51 -26.97 6.45
CA ALA B 355 25.91 -26.43 7.66
C ALA B 355 26.91 -26.34 8.79
N LEU B 356 27.74 -27.37 8.96
CA LEU B 356 28.77 -27.34 9.99
C LEU B 356 29.71 -26.15 9.79
N LEU B 357 30.24 -26.00 8.57
CA LEU B 357 31.18 -24.92 8.28
C LEU B 357 30.51 -23.56 8.45
N THR B 358 29.26 -23.42 7.98
CA THR B 358 28.56 -22.15 8.12
C THR B 358 28.37 -21.79 9.58
N SER B 359 27.92 -22.75 10.39
CA SER B 359 27.71 -22.48 11.82
C SER B 359 29.02 -22.10 12.51
N SER B 360 30.09 -22.85 12.22
CA SER B 360 31.38 -22.57 12.87
C SER B 360 31.90 -21.19 12.49
N ILE B 361 31.87 -20.87 11.20
CA ILE B 361 32.41 -19.60 10.72
C ILE B 361 31.55 -18.45 11.25
N ASN B 362 30.24 -18.64 11.30
CA ASN B 362 29.35 -17.59 11.80
C ASN B 362 29.59 -17.35 13.29
N CYS B 363 29.79 -18.43 14.06
CA CYS B 363 30.07 -18.28 15.48
C CYS B 363 31.38 -17.54 15.70
N ILE B 364 32.42 -17.92 14.95
CA ILE B 364 33.72 -17.27 15.11
C ILE B 364 33.63 -15.80 14.71
N THR B 365 32.90 -15.50 13.63
CA THR B 365 32.76 -14.13 13.17
C THR B 365 32.00 -13.29 14.19
N SER B 366 30.92 -13.84 14.75
CA SER B 366 30.16 -13.13 15.76
C SER B 366 31.02 -12.87 17.00
N PHE B 367 31.80 -13.87 17.41
CA PHE B 367 32.66 -13.71 18.58
C PHE B 367 33.68 -12.60 18.36
N VAL B 368 34.38 -12.62 17.23
CA VAL B 368 35.41 -11.61 16.99
C VAL B 368 34.78 -10.24 16.78
N SER B 369 33.58 -10.17 16.19
CA SER B 369 32.91 -8.89 16.01
C SER B 369 32.51 -8.30 17.36
N GLY B 370 31.96 -9.13 18.25
CA GLY B 370 31.64 -8.65 19.59
C GLY B 370 32.87 -8.23 20.36
N PHE B 371 33.98 -8.96 20.19
CA PHE B 371 35.22 -8.59 20.84
C PHE B 371 35.70 -7.22 20.37
N ALA B 372 35.70 -6.99 19.05
CA ALA B 372 36.11 -5.70 18.52
C ALA B 372 35.16 -4.59 18.97
N ILE B 373 33.87 -4.88 19.01
CA ILE B 373 32.87 -3.89 19.44
C ILE B 373 33.13 -3.48 20.88
N PHE B 374 33.37 -4.46 21.76
CA PHE B 374 33.62 -4.13 23.16
C PHE B 374 34.97 -3.44 23.34
N SER B 375 35.96 -3.78 22.51
CA SER B 375 37.23 -3.06 22.57
C SER B 375 37.04 -1.59 22.21
N ILE B 376 36.30 -1.32 21.14
CA ILE B 376 36.04 0.07 20.75
C ILE B 376 35.21 0.78 21.81
N LEU B 377 34.27 0.05 22.44
CA LEU B 377 33.47 0.63 23.51
C LEU B 377 34.34 1.02 24.70
N GLY B 378 35.27 0.14 25.09
CA GLY B 378 36.19 0.48 26.16
C GLY B 378 37.08 1.66 25.82
N TYR B 379 37.55 1.72 24.56
CA TYR B 379 38.36 2.85 24.13
C TYR B 379 37.58 4.15 24.22
N MET B 380 36.33 4.15 23.75
CA MET B 380 35.51 5.36 23.81
C MET B 380 35.18 5.73 25.24
N ALA B 381 34.99 4.73 26.11
CA ALA B 381 34.73 5.01 27.52
C ALA B 381 35.95 5.64 28.19
N HIS B 382 37.15 5.18 27.81
CA HIS B 382 38.37 5.76 28.36
C HIS B 382 38.58 7.18 27.83
N GLU B 383 38.25 7.41 26.55
CA GLU B 383 38.47 8.73 25.96
C GLU B 383 37.46 9.76 26.47
N HIS B 384 36.20 9.36 26.64
CA HIS B 384 35.15 10.29 27.03
C HIS B 384 34.86 10.29 28.53
N LYS B 385 35.47 9.38 29.28
CA LYS B 385 35.28 9.27 30.73
C LYS B 385 33.81 9.02 31.08
N VAL B 386 33.16 8.18 30.28
CA VAL B 386 31.77 7.78 30.51
C VAL B 386 31.73 6.27 30.71
N ASN B 387 30.68 5.82 31.40
CA ASN B 387 30.51 4.40 31.65
C ASN B 387 30.33 3.64 30.33
N ILE B 388 30.75 2.37 30.34
CA ILE B 388 30.70 1.54 29.14
C ILE B 388 29.26 1.30 28.71
N GLU B 389 28.36 1.09 29.68
CA GLU B 389 26.95 0.84 29.36
C GLU B 389 26.20 2.10 28.97
N ASP B 390 26.81 3.28 29.11
CA ASP B 390 26.13 4.53 28.79
C ASP B 390 26.97 5.42 27.88
N VAL B 391 27.91 4.86 27.13
CA VAL B 391 28.76 5.63 26.24
C VAL B 391 28.22 5.68 24.81
N ALA B 392 27.34 4.76 24.43
CA ALA B 392 26.79 4.73 23.08
C ALA B 392 25.35 4.21 23.16
N THR B 393 24.67 4.27 22.02
CA THR B 393 23.29 3.86 21.95
C THR B 393 23.18 2.35 21.73
N GLU B 394 21.97 1.83 21.90
CA GLU B 394 21.68 0.40 21.72
C GLU B 394 20.69 0.20 20.57
N GLY B 395 20.85 0.96 19.50
CA GLY B 395 19.94 0.87 18.36
C GLY B 395 20.61 0.39 17.10
N ALA B 396 19.96 0.62 15.95
CA ALA B 396 20.48 0.16 14.67
C ALA B 396 21.64 1.02 14.16
N GLY B 397 22.03 2.06 14.89
CA GLY B 397 23.13 2.91 14.49
C GLY B 397 24.40 2.77 15.31
N LEU B 398 24.57 1.67 16.03
CA LEU B 398 25.76 1.52 16.86
C LEU B 398 27.03 1.36 16.01
N VAL B 399 26.97 0.51 14.98
CA VAL B 399 28.14 0.25 14.16
C VAL B 399 28.58 1.48 13.38
N PHE B 400 27.69 2.46 13.21
CA PHE B 400 28.03 3.72 12.55
C PHE B 400 28.63 4.73 13.51
N ILE B 401 28.88 4.35 14.76
CA ILE B 401 29.46 5.25 15.75
C ILE B 401 30.77 4.67 16.24
N LEU B 402 30.79 3.37 16.53
CA LEU B 402 31.98 2.72 17.06
C LEU B 402 33.05 2.53 15.98
N TYR B 403 32.68 1.88 14.88
CA TYR B 403 33.65 1.60 13.82
C TYR B 403 34.26 2.86 13.21
N PRO B 404 33.52 3.92 12.89
CA PRO B 404 34.18 5.10 12.31
C PRO B 404 35.23 5.74 13.21
N GLU B 405 34.94 5.92 14.50
CA GLU B 405 35.88 6.58 15.39
C GLU B 405 37.21 5.82 15.45
N ALA B 406 37.16 4.49 15.48
CA ALA B 406 38.37 3.69 15.45
C ALA B 406 39.17 3.97 14.18
N ILE B 407 38.48 4.10 13.05
CA ILE B 407 39.14 4.46 11.80
C ILE B 407 39.81 5.82 11.93
N SER B 408 39.22 6.73 12.71
CA SER B 408 39.82 8.03 12.94
C SER B 408 41.15 7.90 13.66
N THR B 409 41.31 6.85 14.46
CA THR B 409 42.56 6.67 15.20
C THR B 409 43.66 6.06 14.33
N LEU B 410 43.30 5.14 13.43
CA LEU B 410 44.28 4.52 12.55
C LEU B 410 44.88 5.54 11.60
N SER B 411 46.16 5.34 11.27
CA SER B 411 46.82 6.21 10.31
C SER B 411 46.18 6.05 8.93
N GLY B 412 46.01 7.17 8.24
CA GLY B 412 45.33 7.17 6.96
C GLY B 412 43.87 6.81 7.10
N SER B 413 43.12 7.66 7.82
CA SER B 413 41.73 7.36 8.11
C SER B 413 40.88 7.30 6.85
N THR B 414 41.27 8.07 5.82
CA THR B 414 40.48 8.12 4.59
C THR B 414 40.44 6.76 3.89
N PHE B 415 41.61 6.13 3.71
CA PHE B 415 41.66 4.86 2.99
C PHE B 415 40.92 3.77 3.75
N TRP B 416 41.16 3.66 5.05
CA TRP B 416 40.47 2.64 5.84
C TRP B 416 38.97 2.88 5.89
N ALA B 417 38.54 4.14 5.97
CA ALA B 417 37.11 4.45 5.97
C ALA B 417 36.49 4.06 4.63
N VAL B 418 37.17 4.36 3.52
CA VAL B 418 36.66 3.98 2.21
C VAL B 418 36.54 2.47 2.09
N VAL B 419 37.57 1.74 2.55
CA VAL B 419 37.55 0.29 2.47
C VAL B 419 36.41 -0.27 3.31
N PHE B 420 36.23 0.25 4.52
CA PHE B 420 35.16 -0.23 5.40
C PHE B 420 33.79 0.05 4.81
N PHE B 421 33.59 1.24 4.22
CA PHE B 421 32.31 1.56 3.62
C PHE B 421 32.05 0.71 2.37
N VAL B 422 33.07 0.42 1.58
CA VAL B 422 32.89 -0.44 0.42
C VAL B 422 32.55 -1.86 0.87
N MET B 423 33.18 -2.34 1.93
CA MET B 423 32.85 -3.65 2.47
C MET B 423 31.40 -3.70 2.95
N LEU B 424 30.97 -2.66 3.67
CA LEU B 424 29.59 -2.60 4.13
C LEU B 424 28.61 -2.59 2.96
N LEU B 425 28.89 -1.77 1.95
CA LEU B 425 28.03 -1.73 0.77
C LEU B 425 27.96 -3.10 0.08
N ALA B 426 29.13 -3.75 -0.01
CA ALA B 426 29.19 -5.09 -0.62
C ALA B 426 28.30 -6.06 0.18
N LEU B 427 28.64 -6.32 1.44
CA LEU B 427 27.87 -7.33 2.23
C LEU B 427 26.40 -6.91 2.29
N GLY B 428 26.12 -5.61 2.38
CA GLY B 428 24.73 -5.12 2.42
C GLY B 428 23.99 -5.49 1.16
N LEU B 429 24.57 -5.23 0.00
CA LEU B 429 23.91 -5.51 -1.30
C LEU B 429 23.79 -7.04 -1.48
N ASP B 430 24.83 -7.78 -1.12
CA ASP B 430 24.82 -9.26 -1.28
C ASP B 430 23.66 -9.85 -0.46
N SER B 431 23.38 -9.27 0.72
CA SER B 431 22.26 -9.75 1.57
C SER B 431 20.92 -9.37 0.95
N SER B 432 20.81 -8.15 0.40
CA SER B 432 19.55 -7.68 -0.23
C SER B 432 19.26 -8.56 -1.45
N MET B 433 20.28 -8.86 -2.25
CA MET B 433 20.10 -9.72 -3.44
C MET B 433 19.61 -11.10 -2.98
N GLY B 434 20.26 -11.68 -1.96
CA GLY B 434 19.87 -13.00 -1.46
C GLY B 434 18.43 -13.00 -0.98
N GLY B 435 18.04 -11.97 -0.21
CA GLY B 435 16.67 -11.89 0.34
C GLY B 435 15.64 -11.65 -0.75
N MET B 436 15.94 -10.75 -1.70
CA MET B 436 15.01 -10.46 -2.82
C MET B 436 14.88 -11.71 -3.71
N GLU B 437 15.98 -12.42 -3.93
CA GLU B 437 15.92 -13.69 -4.73
C GLU B 437 14.91 -14.63 -4.07
N ALA B 438 14.96 -14.76 -2.74
CA ALA B 438 14.04 -15.64 -2.01
C ALA B 438 12.59 -15.26 -2.32
N VAL B 439 12.29 -13.97 -2.31
CA VAL B 439 10.90 -13.50 -2.65
C VAL B 439 10.59 -13.87 -4.10
N ILE B 440 11.47 -13.55 -5.05
CA ILE B 440 11.18 -13.79 -6.49
C ILE B 440 11.13 -15.30 -6.79
N THR B 441 12.21 -16.04 -6.48
CA THR B 441 12.25 -17.49 -6.77
C THR B 441 10.98 -18.14 -6.30
N GLY B 442 10.47 -17.74 -5.14
CA GLY B 442 9.26 -18.31 -4.57
C GLY B 442 8.02 -17.89 -5.33
N LEU B 443 7.88 -16.58 -5.58
CA LEU B 443 6.67 -16.09 -6.24
C LEU B 443 6.62 -16.53 -7.70
N ALA B 444 7.76 -16.85 -8.30
CA ALA B 444 7.79 -17.33 -9.67
C ALA B 444 7.46 -18.81 -9.74
N ASP B 445 7.96 -19.59 -8.78
CA ASP B 445 7.55 -20.99 -8.69
C ASP B 445 6.07 -21.10 -8.36
N ASP B 446 5.50 -20.09 -7.69
CA ASP B 446 4.06 -20.06 -7.48
C ASP B 446 3.33 -19.71 -8.76
N PHE B 447 3.76 -18.65 -9.45
CA PHE B 447 3.11 -18.17 -10.67
C PHE B 447 4.14 -18.16 -11.80
N GLN B 448 4.00 -19.08 -12.76
CA GLN B 448 5.02 -19.20 -13.83
C GLN B 448 4.95 -17.98 -14.76
N VAL B 449 3.88 -17.18 -14.69
CA VAL B 449 3.83 -15.93 -15.50
C VAL B 449 5.01 -15.04 -15.06
N LEU B 450 5.22 -14.89 -13.74
CA LEU B 450 6.29 -14.00 -13.23
C LEU B 450 7.67 -14.58 -13.58
N LYS B 451 7.75 -15.88 -13.88
CA LYS B 451 9.04 -16.50 -14.25
C LYS B 451 9.54 -15.87 -15.57
N ARG B 452 8.63 -15.65 -16.52
CA ARG B 452 9.01 -15.09 -17.83
C ARG B 452 9.13 -13.57 -17.74
N HIS B 453 8.28 -12.92 -16.93
CA HIS B 453 8.37 -11.44 -16.75
C HIS B 453 9.32 -11.13 -15.61
N ARG B 454 10.56 -11.62 -15.68
CA ARG B 454 11.54 -11.43 -14.59
C ARG B 454 11.89 -9.94 -14.43
N LYS B 455 12.29 -9.27 -15.51
CA LYS B 455 12.72 -7.85 -15.40
C LYS B 455 11.56 -6.98 -14.92
N LEU B 456 10.33 -7.28 -15.36
CA LEU B 456 9.15 -6.51 -14.92
C LEU B 456 8.80 -6.89 -13.47
N PHE B 457 8.87 -8.19 -13.13
CA PHE B 457 8.60 -8.63 -11.74
C PHE B 457 9.66 -8.07 -10.81
N THR B 458 10.94 -8.33 -11.12
CA THR B 458 12.03 -7.78 -10.32
C THR B 458 11.71 -6.32 -10.05
N PHE B 459 11.35 -5.57 -11.09
CA PHE B 459 11.10 -4.12 -10.92
C PHE B 459 10.02 -3.94 -9.86
N GLY B 460 8.92 -4.68 -9.99
CA GLY B 460 7.81 -4.56 -9.03
C GLY B 460 8.30 -4.77 -7.61
N VAL B 461 9.03 -5.87 -7.36
CA VAL B 461 9.52 -6.18 -5.99
C VAL B 461 10.43 -5.04 -5.51
N THR B 462 11.45 -4.69 -6.30
CA THR B 462 12.41 -3.65 -5.88
C THR B 462 11.69 -2.32 -5.72
N PHE B 463 10.81 -1.96 -6.65
CA PHE B 463 10.14 -0.63 -6.59
C PHE B 463 9.22 -0.58 -5.38
N SER B 464 8.47 -1.66 -5.12
CA SER B 464 7.59 -1.70 -3.93
C SER B 464 8.44 -1.52 -2.66
N THR B 465 9.58 -2.22 -2.59
CA THR B 465 10.49 -2.09 -1.43
C THR B 465 10.96 -0.66 -1.33
N PHE B 466 11.35 -0.04 -2.45
CA PHE B 466 11.88 1.35 -2.42
C PHE B 466 10.82 2.29 -1.85
N LEU B 467 9.56 2.12 -2.27
CA LEU B 467 8.48 3.02 -1.80
C LEU B 467 8.22 2.77 -0.31
N LEU B 468 7.78 1.55 0.03
CA LEU B 468 7.51 1.21 1.44
C LEU B 468 8.72 1.41 2.33
N ALA B 469 9.89 1.68 1.77
CA ALA B 469 11.06 2.04 2.57
C ALA B 469 11.30 3.54 2.62
N LEU B 470 10.63 4.32 1.76
CA LEU B 470 10.72 5.78 1.86
C LEU B 470 10.37 6.27 3.25
N PHE B 471 9.66 5.43 4.02
CA PHE B 471 9.25 5.77 5.39
C PHE B 471 10.41 5.78 6.33
N CYS B 472 11.45 5.03 6.03
CA CYS B 472 12.59 4.84 6.97
C CYS B 472 13.71 5.78 6.57
N ILE B 473 13.52 6.67 5.60
CA ILE B 473 14.59 7.68 5.34
C ILE B 473 14.05 9.07 5.72
N THR B 474 12.91 9.12 6.41
CA THR B 474 12.32 10.40 6.86
C THR B 474 13.10 10.90 8.06
N LYS B 475 12.78 12.10 8.54
CA LYS B 475 13.54 12.69 9.67
C LYS B 475 13.45 11.73 10.87
N GLY B 476 12.31 11.05 11.03
CA GLY B 476 12.15 10.08 12.14
C GLY B 476 11.95 8.68 11.59
N GLY B 477 12.64 8.34 10.50
CA GLY B 477 12.55 7.00 9.93
C GLY B 477 13.28 5.94 10.70
N ILE B 478 14.21 6.33 11.58
CA ILE B 478 14.93 5.35 12.39
C ILE B 478 13.97 4.66 13.35
N TYR B 479 12.94 5.38 13.82
CA TYR B 479 11.95 4.77 14.70
C TYR B 479 11.16 3.70 13.98
N VAL B 480 10.73 3.98 12.75
CA VAL B 480 10.00 2.98 11.97
C VAL B 480 10.91 1.81 11.62
N LEU B 481 12.19 2.09 11.34
CA LEU B 481 13.13 1.01 11.05
C LEU B 481 13.31 0.09 12.25
N THR B 482 13.43 0.66 13.45
CA THR B 482 13.55 -0.15 14.66
C THR B 482 12.26 -0.92 14.91
N LEU B 483 11.10 -0.29 14.67
CA LEU B 483 9.83 -0.98 14.83
C LEU B 483 9.74 -2.19 13.92
N LEU B 484 10.15 -2.04 12.67
CA LEU B 484 10.12 -3.16 11.72
C LEU B 484 11.13 -4.23 12.11
N ASP B 485 12.32 -3.82 12.56
CA ASP B 485 13.33 -4.79 12.97
C ASP B 485 12.89 -5.57 14.21
N THR B 486 12.08 -4.96 15.07
CA THR B 486 11.65 -5.62 16.30
C THR B 486 10.39 -6.46 16.13
N PHE B 487 9.41 -5.98 15.36
CA PHE B 487 8.11 -6.65 15.26
C PHE B 487 7.91 -7.40 13.95
N ALA B 488 8.28 -6.80 12.82
CA ALA B 488 8.06 -7.47 11.54
C ALA B 488 8.93 -8.72 11.42
N ALA B 489 10.08 -8.72 12.09
CA ALA B 489 10.99 -9.87 12.09
C ALA B 489 11.26 -10.30 13.53
N GLY B 490 10.20 -10.37 14.32
CA GLY B 490 10.31 -10.78 15.71
C GLY B 490 9.69 -12.14 15.99
N THR B 491 8.49 -12.13 16.56
CA THR B 491 7.81 -13.39 16.85
C THR B 491 7.25 -14.02 15.58
N SER B 492 7.09 -13.23 14.51
CA SER B 492 6.54 -13.76 13.27
C SER B 492 7.43 -14.84 12.67
N ILE B 493 8.74 -14.57 12.58
CA ILE B 493 9.65 -15.55 12.01
C ILE B 493 9.78 -16.76 12.94
N LEU B 494 9.68 -16.55 14.25
CA LEU B 494 9.70 -17.68 15.17
C LEU B 494 8.51 -18.60 14.94
N PHE B 495 7.31 -18.02 14.82
CA PHE B 495 6.12 -18.83 14.54
C PHE B 495 6.23 -19.51 13.18
N ALA B 496 6.82 -18.82 12.20
CA ALA B 496 6.97 -19.39 10.87
C ALA B 496 7.87 -20.62 10.90
N VAL B 497 9.04 -20.49 11.53
CA VAL B 497 9.96 -21.62 11.57
C VAL B 497 9.40 -22.73 12.46
N LEU B 498 8.61 -22.39 13.48
CA LEU B 498 7.96 -23.42 14.29
C LEU B 498 6.97 -24.22 13.45
N MET B 499 6.15 -23.51 12.66
CA MET B 499 5.21 -24.21 11.78
C MET B 499 5.94 -25.04 10.74
N GLU B 500 7.07 -24.54 10.23
CA GLU B 500 7.86 -25.31 9.28
C GLU B 500 8.37 -26.61 9.91
N ALA B 501 8.93 -26.51 11.12
CA ALA B 501 9.45 -27.69 11.80
C ALA B 501 8.32 -28.68 12.09
N ILE B 502 7.15 -28.18 12.48
CA ILE B 502 6.02 -29.05 12.76
C ILE B 502 5.56 -29.75 11.48
N GLY B 503 5.53 -29.02 10.37
CA GLY B 503 5.07 -29.62 9.12
C GLY B 503 6.06 -30.59 8.52
N VAL B 504 7.35 -30.41 8.78
CA VAL B 504 8.37 -31.29 8.25
C VAL B 504 8.57 -32.52 9.11
N SER B 505 8.61 -32.36 10.44
CA SER B 505 8.94 -33.47 11.32
C SER B 505 7.72 -34.30 11.73
N TRP B 506 6.53 -33.70 11.76
CA TRP B 506 5.33 -34.40 12.23
C TRP B 506 4.37 -34.70 11.09
N PHE B 507 3.97 -33.70 10.31
CA PHE B 507 3.02 -33.94 9.23
C PHE B 507 3.67 -34.69 8.07
N TYR B 508 4.88 -34.28 7.68
CA TYR B 508 5.58 -34.97 6.60
C TYR B 508 6.24 -36.25 7.10
N GLY B 509 6.94 -36.16 8.23
CA GLY B 509 7.59 -37.33 8.80
C GLY B 509 9.10 -37.25 8.76
N VAL B 510 9.74 -37.58 9.90
CA VAL B 510 11.20 -37.57 9.95
C VAL B 510 11.76 -38.72 9.14
N ASP B 511 11.02 -39.82 9.00
CA ASP B 511 11.51 -40.96 8.25
C ASP B 511 11.63 -40.65 6.77
N ARG B 512 10.63 -39.98 6.20
CA ARG B 512 10.68 -39.62 4.79
C ARG B 512 11.79 -38.60 4.53
N PHE B 513 11.96 -37.65 5.45
CA PHE B 513 13.04 -36.67 5.32
C PHE B 513 14.41 -37.36 5.38
N SER B 514 14.56 -38.32 6.28
CA SER B 514 15.82 -39.05 6.37
C SER B 514 16.08 -39.88 5.12
N ASN B 515 15.02 -40.49 4.57
CA ASN B 515 15.19 -41.26 3.33
C ASN B 515 15.56 -40.34 2.17
N ASP B 516 14.99 -39.14 2.12
CA ASP B 516 15.35 -38.18 1.09
C ASP B 516 16.80 -37.75 1.21
N ILE B 517 17.24 -37.46 2.44
CA ILE B 517 18.63 -37.07 2.66
C ILE B 517 19.57 -38.23 2.28
N GLN B 518 19.15 -39.46 2.57
CA GLN B 518 19.98 -40.62 2.22
C GLN B 518 20.08 -40.79 0.71
N GLN B 519 18.96 -40.65 -0.01
CA GLN B 519 18.99 -40.81 -1.46
C GLN B 519 19.65 -39.64 -2.16
N MET B 520 19.76 -38.48 -1.51
CA MET B 520 20.44 -37.33 -2.10
C MET B 520 21.94 -37.36 -1.84
N MET B 521 22.35 -37.64 -0.59
CA MET B 521 23.75 -37.56 -0.21
C MET B 521 24.43 -38.91 -0.03
N GLY B 522 23.70 -39.94 0.42
CA GLY B 522 24.27 -41.25 0.64
C GLY B 522 24.38 -41.69 2.08
N PHE B 523 23.84 -40.92 3.02
CA PHE B 523 23.89 -41.28 4.43
C PHE B 523 22.64 -40.76 5.13
N ARG B 524 22.21 -41.48 6.16
CA ARG B 524 21.04 -41.10 6.94
C ARG B 524 21.45 -40.22 8.11
N PRO B 525 20.60 -39.25 8.47
CA PRO B 525 20.92 -38.40 9.63
C PRO B 525 20.92 -39.19 10.93
N GLY B 526 21.81 -38.80 11.84
CA GLY B 526 21.90 -39.49 13.12
C GLY B 526 20.73 -39.21 14.03
N LEU B 527 20.73 -39.90 15.17
CA LEU B 527 19.68 -39.72 16.18
C LEU B 527 19.57 -38.28 16.63
N TYR B 528 20.72 -37.60 16.78
CA TYR B 528 20.73 -36.23 17.27
C TYR B 528 19.93 -35.29 16.36
N TRP B 529 20.18 -35.37 15.05
CA TRP B 529 19.53 -34.46 14.11
C TRP B 529 18.03 -34.69 14.08
N ARG B 530 17.61 -35.97 14.07
CA ARG B 530 16.18 -36.26 14.03
C ARG B 530 15.49 -35.84 15.34
N LEU B 531 16.14 -36.08 16.48
CA LEU B 531 15.56 -35.67 17.75
C LEU B 531 15.47 -34.15 17.85
N CYS B 532 16.44 -33.44 17.28
CA CYS B 532 16.35 -31.98 17.26
C CYS B 532 15.24 -31.50 16.34
N TRP B 533 15.14 -32.08 15.14
CA TRP B 533 14.11 -31.66 14.19
C TRP B 533 12.72 -31.97 14.71
N LYS B 534 12.56 -33.05 15.47
CA LYS B 534 11.23 -33.47 15.90
C LYS B 534 10.87 -32.97 17.29
N PHE B 535 11.82 -32.98 18.24
CA PHE B 535 11.51 -32.67 19.63
C PHE B 535 12.19 -31.40 20.12
N VAL B 536 13.51 -31.28 19.96
CA VAL B 536 14.25 -30.19 20.62
C VAL B 536 13.88 -28.85 19.99
N SER B 537 14.12 -28.72 18.68
CA SER B 537 13.89 -27.44 18.01
C SER B 537 12.44 -26.99 18.08
N PRO B 538 11.43 -27.85 17.82
CA PRO B 538 10.04 -27.38 17.96
C PRO B 538 9.70 -26.94 19.38
N ALA B 539 10.17 -27.67 20.39
CA ALA B 539 9.89 -27.28 21.77
C ALA B 539 10.52 -25.93 22.10
N PHE B 540 11.78 -25.73 21.69
CA PHE B 540 12.44 -24.46 21.97
C PHE B 540 11.80 -23.31 21.21
N LEU B 541 11.32 -23.57 19.98
CA LEU B 541 10.64 -22.53 19.23
C LEU B 541 9.31 -22.17 19.88
N LEU B 542 8.57 -23.17 20.35
CA LEU B 542 7.34 -22.89 21.08
C LEU B 542 7.63 -22.09 22.35
N PHE B 543 8.72 -22.43 23.04
CA PHE B 543 9.08 -21.72 24.27
C PHE B 543 9.41 -20.26 23.98
N VAL B 544 10.19 -20.01 22.92
CA VAL B 544 10.57 -18.62 22.63
C VAL B 544 9.36 -17.84 22.12
N VAL B 545 8.45 -18.50 21.41
CA VAL B 545 7.22 -17.83 21.00
C VAL B 545 6.38 -17.45 22.22
N VAL B 546 6.29 -18.37 23.19
CA VAL B 546 5.51 -18.09 24.40
C VAL B 546 6.13 -16.93 25.18
N VAL B 547 7.46 -16.93 25.33
CA VAL B 547 8.09 -15.86 26.09
C VAL B 547 8.11 -14.55 25.31
N SER B 548 7.94 -14.60 23.98
CA SER B 548 7.85 -13.37 23.21
C SER B 548 6.44 -12.78 23.28
N ILE B 549 5.43 -13.63 23.30
CA ILE B 549 4.04 -13.17 23.34
C ILE B 549 3.65 -12.73 24.75
N ILE B 550 3.91 -13.56 25.76
CA ILE B 550 3.50 -13.24 27.12
C ILE B 550 4.41 -12.17 27.72
N ASN B 551 5.71 -12.43 27.72
CA ASN B 551 6.68 -11.52 28.33
C ASN B 551 7.14 -10.47 27.31
N PHE B 552 6.19 -9.61 26.92
CA PHE B 552 6.46 -8.56 25.96
C PHE B 552 6.92 -7.29 26.66
N LYS B 553 7.83 -6.57 26.02
CA LYS B 553 8.35 -5.32 26.54
C LYS B 553 8.15 -4.19 25.54
N PRO B 554 7.82 -2.99 26.00
CA PRO B 554 7.61 -1.87 25.07
C PRO B 554 8.92 -1.45 24.41
N LEU B 555 8.82 -1.05 23.14
CA LEU B 555 10.00 -0.65 22.38
C LEU B 555 10.43 0.75 22.76
N THR B 556 11.73 0.94 22.95
CA THR B 556 12.31 2.25 23.26
C THR B 556 13.62 2.38 22.50
N TYR B 557 13.83 3.51 21.83
CA TYR B 557 15.09 3.76 21.12
C TYR B 557 16.06 4.41 22.11
N ASP B 558 16.19 3.78 23.27
CA ASP B 558 17.22 4.07 24.28
C ASP B 558 16.92 5.43 24.93
N ASP B 559 16.01 6.24 24.40
CA ASP B 559 15.62 7.47 25.07
C ASP B 559 14.13 7.76 24.97
N TYR B 560 13.45 7.22 23.96
CA TYR B 560 12.09 7.61 23.63
C TYR B 560 11.19 6.37 23.72
N ILE B 561 10.23 6.41 24.63
CA ILE B 561 9.27 5.31 24.78
C ILE B 561 8.25 5.40 23.66
N PHE B 562 8.16 4.35 22.85
CA PHE B 562 7.20 4.33 21.77
C PHE B 562 5.78 4.30 22.32
N PRO B 563 4.85 5.06 21.73
CA PRO B 563 3.48 5.08 22.24
C PRO B 563 2.81 3.73 22.08
N PRO B 564 1.73 3.47 22.83
CA PRO B 564 1.04 2.17 22.73
C PRO B 564 0.56 1.84 21.32
N TRP B 565 0.10 2.85 20.58
CA TRP B 565 -0.38 2.60 19.23
C TRP B 565 0.74 2.12 18.31
N ALA B 566 1.98 2.55 18.56
CA ALA B 566 3.10 2.04 17.78
C ALA B 566 3.30 0.55 18.04
N ASN B 567 3.21 0.13 19.30
CA ASN B 567 3.32 -1.29 19.61
C ASN B 567 2.16 -2.08 19.01
N TRP B 568 0.96 -1.49 19.00
CA TRP B 568 -0.18 -2.16 18.38
C TRP B 568 0.02 -2.31 16.87
N VAL B 569 0.57 -1.28 16.22
CA VAL B 569 0.85 -1.38 14.80
C VAL B 569 1.92 -2.43 14.52
N GLY B 570 2.94 -2.49 15.37
CA GLY B 570 3.95 -3.53 15.21
C GLY B 570 3.39 -4.93 15.36
N TRP B 571 2.55 -5.13 16.38
CA TRP B 571 1.90 -6.43 16.56
C TRP B 571 0.98 -6.75 15.40
N GLY B 572 0.31 -5.74 14.83
CA GLY B 572 -0.52 -5.99 13.66
C GLY B 572 0.30 -6.38 12.44
N ILE B 573 1.44 -5.74 12.26
CA ILE B 573 2.33 -6.10 11.15
C ILE B 573 2.83 -7.53 11.32
N ALA B 574 3.15 -7.91 12.56
CA ALA B 574 3.58 -9.28 12.83
C ALA B 574 2.45 -10.28 12.56
N LEU B 575 1.24 -9.96 13.01
CA LEU B 575 0.11 -10.84 12.78
C LEU B 575 -0.23 -10.94 11.31
N SER B 576 0.07 -9.90 10.52
CA SER B 576 -0.17 -9.96 9.08
C SER B 576 0.53 -11.15 8.45
N SER B 577 1.72 -11.49 8.95
CA SER B 577 2.44 -12.65 8.45
C SER B 577 2.09 -13.91 9.25
N MET B 578 1.76 -13.74 10.54
CA MET B 578 1.48 -14.91 11.38
C MET B 578 0.19 -15.61 10.97
N VAL B 579 -0.87 -14.84 10.72
CA VAL B 579 -2.19 -15.43 10.47
C VAL B 579 -2.30 -15.95 9.04
N LEU B 580 -1.22 -15.87 8.26
CA LEU B 580 -1.27 -16.39 6.90
C LEU B 580 -1.42 -17.90 6.87
N VAL B 581 -1.08 -18.58 7.96
CA VAL B 581 -1.18 -20.04 8.03
C VAL B 581 -2.64 -20.45 8.19
N PRO B 582 -3.39 -19.97 9.20
CA PRO B 582 -4.79 -20.40 9.31
C PRO B 582 -5.65 -19.94 8.15
N ILE B 583 -5.33 -18.76 7.61
CA ILE B 583 -6.08 -18.24 6.42
C ILE B 583 -5.90 -19.28 5.28
N TYR B 584 -4.67 -19.75 5.09
CA TYR B 584 -4.42 -20.71 3.96
C TYR B 584 -5.11 -22.05 4.27
N VAL B 585 -4.99 -22.53 5.50
CA VAL B 585 -5.61 -23.85 5.87
C VAL B 585 -7.12 -23.72 5.64
N ILE B 586 -7.71 -22.58 5.99
CA ILE B 586 -9.16 -22.33 5.73
C ILE B 586 -9.41 -22.39 4.22
N TYR B 587 -8.61 -21.66 3.44
CA TYR B 587 -8.77 -21.64 1.96
C TYR B 587 -8.58 -23.04 1.38
N LYS B 588 -7.53 -23.73 1.81
CA LYS B 588 -7.23 -25.09 1.25
C LYS B 588 -8.37 -26.05 1.60
N PHE B 589 -9.12 -25.75 2.68
CA PHE B 589 -10.20 -26.62 3.11
C PHE B 589 -11.48 -26.31 2.34
N LEU B 590 -11.74 -25.03 2.05
CA LEU B 590 -12.94 -24.66 1.33
C LEU B 590 -12.81 -24.98 -0.16
N SER B 591 -11.62 -24.73 -0.73
CA SER B 591 -11.43 -24.98 -2.16
C SER B 591 -11.48 -26.47 -2.48
N THR B 592 -10.98 -27.31 -1.57
CA THR B 592 -11.00 -28.75 -1.80
C THR B 592 -12.44 -29.27 -1.78
N GLN B 593 -12.77 -30.11 -2.76
CA GLN B 593 -14.09 -30.69 -2.89
C GLN B 593 -14.08 -32.10 -2.29
N GLY B 594 -15.09 -32.40 -1.49
CA GLY B 594 -15.24 -33.69 -0.86
C GLY B 594 -15.63 -33.54 0.59
N SER B 595 -15.72 -34.68 1.26
CA SER B 595 -16.07 -34.67 2.68
C SER B 595 -14.88 -34.27 3.53
N LEU B 596 -15.08 -34.26 4.85
CA LEU B 596 -14.02 -33.89 5.78
C LEU B 596 -12.80 -34.77 5.61
N TRP B 597 -13.01 -36.08 5.45
CA TRP B 597 -11.91 -37.01 5.26
C TRP B 597 -11.10 -36.66 4.02
N GLU B 598 -11.77 -36.46 2.89
CA GLU B 598 -11.08 -36.17 1.63
C GLU B 598 -10.37 -34.82 1.71
N ARG B 599 -11.01 -33.83 2.32
CA ARG B 599 -10.39 -32.52 2.46
C ARG B 599 -9.12 -32.60 3.31
N LEU B 600 -9.19 -33.27 4.46
CA LEU B 600 -8.02 -33.40 5.30
C LEU B 600 -6.92 -34.18 4.60
N ALA B 601 -7.29 -35.24 3.86
CA ALA B 601 -6.29 -36.03 3.15
C ALA B 601 -5.60 -35.20 2.08
N TYR B 602 -6.36 -34.46 1.28
CA TYR B 602 -5.77 -33.60 0.27
C TYR B 602 -4.96 -32.46 0.89
N GLY B 603 -5.27 -32.06 2.11
CA GLY B 603 -4.52 -31.01 2.77
C GLY B 603 -3.27 -31.44 3.51
N ILE B 604 -3.17 -32.72 3.87
CA ILE B 604 -2.00 -33.22 4.60
C ILE B 604 -1.13 -34.15 3.78
N THR B 605 -1.60 -34.62 2.61
CA THR B 605 -0.76 -35.53 1.83
C THR B 605 -0.11 -34.80 0.66
N PRO B 606 1.04 -35.29 0.19
CA PRO B 606 1.69 -34.65 -0.96
C PRO B 606 0.83 -34.72 -2.21
N GLU B 607 1.08 -33.78 -3.13
CA GLU B 607 0.32 -33.74 -4.37
C GLU B 607 0.53 -35.01 -5.20
N ASN B 608 1.79 -35.40 -5.41
CA ASN B 608 2.07 -36.59 -6.21
C ASN B 608 1.56 -37.86 -5.58
N GLU B 609 1.23 -37.84 -4.29
CA GLU B 609 0.65 -38.99 -3.60
C GLU B 609 -0.84 -38.82 -3.36
N HIS B 610 -1.48 -37.87 -4.05
CA HIS B 610 -2.91 -37.65 -3.90
C HIS B 610 -3.73 -38.86 -4.32
N HIS B 611 -3.18 -39.72 -5.18
CA HIS B 611 -3.89 -40.96 -5.52
C HIS B 611 -4.10 -41.84 -4.30
N LEU B 612 -3.20 -41.74 -3.31
CA LEU B 612 -3.39 -42.50 -2.08
C LEU B 612 -4.66 -42.07 -1.35
N VAL B 613 -5.15 -40.86 -1.63
CA VAL B 613 -6.42 -40.43 -1.05
C VAL B 613 -7.56 -41.29 -1.59
N ALA B 614 -7.47 -41.66 -2.86
CA ALA B 614 -8.51 -42.50 -3.46
C ALA B 614 -8.47 -43.91 -2.87
N GLN B 615 -7.28 -44.45 -2.66
CA GLN B 615 -7.12 -45.77 -2.08
C GLN B 615 -7.29 -45.78 -0.56
N ARG B 616 -7.54 -44.62 0.04
CA ARG B 616 -7.69 -44.49 1.50
C ARG B 616 -6.48 -45.05 2.23
N ASP B 617 -5.29 -44.63 1.77
CA ASP B 617 -4.01 -45.03 2.36
C ASP B 617 -3.27 -43.75 2.76
N ILE B 618 -3.54 -43.25 3.96
CA ILE B 618 -2.97 -42.02 4.47
C ILE B 618 -2.06 -42.36 5.64
N ARG B 619 -0.79 -41.96 5.55
CA ARG B 619 0.16 -42.25 6.63
C ARG B 619 -0.13 -41.40 7.87
N GLN B 620 -0.51 -40.14 7.66
CA GLN B 620 -0.75 -39.24 8.79
C GLN B 620 -1.91 -39.69 9.67
N PHE B 621 -2.80 -40.54 9.16
CA PHE B 621 -3.90 -41.08 9.94
C PHE B 621 -3.51 -42.37 10.66
N GLN B 622 -2.21 -42.66 10.77
CA GLN B 622 -1.72 -43.85 11.45
C GLN B 622 -0.85 -43.43 12.62
N LEU B 623 -0.90 -44.21 13.70
CA LEU B 623 -0.11 -43.88 14.89
C LEU B 623 1.38 -44.06 14.65
N GLN B 624 1.75 -44.92 13.69
CA GLN B 624 3.17 -45.16 13.43
C GLN B 624 3.84 -43.95 12.83
N HIS B 625 3.06 -43.11 12.15
CA HIS B 625 3.61 -41.91 11.47
C HIS B 625 4.06 -40.88 12.52
N TRP B 626 3.19 -40.60 13.49
CA TRP B 626 3.51 -39.57 14.52
C TRP B 626 4.46 -40.15 15.57
N LEU B 627 4.65 -41.48 15.56
CA LEU B 627 5.57 -42.12 16.53
C LEU B 627 6.81 -42.62 15.78
N ALA B 628 7.09 -42.06 14.60
CA ALA B 628 8.24 -42.52 13.78
C ALA B 628 9.55 -42.34 14.57
N ILE B 629 9.78 -41.14 15.10
CA ILE B 629 11.01 -40.84 15.90
C ILE B 629 12.23 -41.51 15.21
#